data_3LU9
#
_entry.id   3LU9
#
_cell.length_a   46.334
_cell.length_b   50.171
_cell.length_c   85.502
_cell.angle_alpha   76.39
_cell.angle_beta   83.93
_cell.angle_gamma   73.74
#
_symmetry.space_group_name_H-M   'P 1'
#
loop_
_entity.id
_entity.type
_entity.pdbx_description
1 polymer Prothrombin
2 polymer Prothrombin
3 polymer 'Proteinase-activated receptor 1'
4 non-polymer 2-acetamido-2-deoxy-beta-D-glucopyranose
5 non-polymer 'SODIUM ION'
6 non-polymer GLYCEROL
7 water water
#
loop_
_entity_poly.entity_id
_entity_poly.type
_entity_poly.pdbx_seq_one_letter_code
_entity_poly.pdbx_strand_id
1 'polypeptide(L)' SEYQTFFNPRTFGSGEADCGLRPLFEKKSLEDKTERELLESYIDGR A,D
2 'polypeptide(L)'
;IVEGSDAEIGMSPWQVMLFRKSPQELLCGASLISDRWVLTAAHCLLYPPWDKNFTENDLLVRIGKHSRTRYERNIEKISM
LEKIYIHPRYNWRENLDRDIALMKLKKPVAFSDYIHPVCLPDRETAASLLQAGYKGRVTGWGNLKETWTANVGKGQPSVL
QVVNLPIVERPVCKDSTRIRITDNMFCAGYKPDEGKRGDACEGDAGGPFVMKSPFNNRWYQMGIVSWGEGCDRDGKYGFY
THVFRLKKWIQKVIDQFGE
;
B,E
3 'polypeptide(L)' ATNATLDPRSFLLRNPNDKYEPFWE C,F
#
# COMPACT_ATOMS: atom_id res chain seq x y z
N SER A 1 14.23 -24.73 13.26
CA SER A 1 12.77 -25.01 13.16
C SER A 1 12.06 -24.41 14.36
N GLU A 2 11.85 -23.09 14.35
CA GLU A 2 11.63 -22.33 15.60
C GLU A 2 10.26 -22.55 16.27
N TYR A 3 10.02 -23.79 16.66
CA TYR A 3 8.67 -24.24 16.88
C TYR A 3 8.67 -25.47 17.77
N GLN A 4 7.82 -25.44 18.80
CA GLN A 4 7.63 -26.58 19.68
C GLN A 4 6.26 -27.19 19.37
N THR A 5 6.25 -28.46 18.94
CA THR A 5 4.99 -29.16 18.65
C THR A 5 4.08 -29.28 19.89
N PHE A 6 2.76 -29.22 19.66
CA PHE A 6 1.77 -29.25 20.74
C PHE A 6 1.08 -30.60 20.81
N PHE A 7 0.86 -31.17 19.64
CA PHE A 7 0.08 -32.38 19.53
C PHE A 7 0.95 -33.63 19.37
N ASN A 8 0.35 -34.79 19.61
CA ASN A 8 1.05 -36.06 19.49
C ASN A 8 1.03 -36.54 18.04
N PRO A 9 2.21 -36.68 17.40
CA PRO A 9 2.21 -37.13 16.01
C PRO A 9 1.51 -38.47 15.79
N ARG A 10 1.53 -39.35 16.80
CA ARG A 10 0.78 -40.59 16.72
C ARG A 10 -0.72 -40.37 16.38
N THR A 11 -1.35 -39.40 17.03
CA THR A 11 -2.77 -39.12 16.77
C THR A 11 -3.01 -37.94 15.78
N PHE A 12 -2.12 -36.95 15.84
CA PHE A 12 -2.18 -35.77 14.96
C PHE A 12 -1.70 -36.12 13.55
N GLY A 13 -0.81 -37.10 13.44
CA GLY A 13 -0.13 -37.38 12.19
C GLY A 13 1.11 -36.52 12.02
N SER A 14 1.74 -36.61 10.85
CA SER A 14 2.94 -35.84 10.59
C SER A 14 2.61 -34.44 10.11
N GLY A 15 3.59 -33.54 10.27
CA GLY A 15 3.54 -32.24 9.63
C GLY A 15 3.58 -31.07 10.57
N GLU A 16 3.41 -31.31 11.87
CA GLU A 16 3.37 -30.17 12.77
C GLU A 16 4.71 -29.45 12.93
N ALA A 17 5.80 -30.22 13.04
CA ALA A 17 7.11 -29.63 13.29
C ALA A 17 7.45 -28.54 12.24
N ASP A 18 7.03 -28.76 11.00
CA ASP A 18 7.35 -27.88 9.88
C ASP A 18 6.14 -27.04 9.45
N CYS A 19 5.15 -26.96 10.32
CA CYS A 19 3.94 -26.21 9.99
C CYS A 19 4.25 -24.74 9.68
N GLY A 20 3.40 -24.17 8.82
CA GLY A 20 3.37 -22.71 8.62
C GLY A 20 4.49 -22.14 7.81
N LEU A 21 5.31 -23.00 7.20
CA LEU A 21 6.44 -22.54 6.35
C LEU A 21 6.16 -23.02 4.93
N ARG A 22 5.94 -22.08 4.01
CA ARG A 22 5.48 -22.46 2.66
C ARG A 22 6.65 -22.83 1.76
N PRO A 23 6.54 -23.96 1.05
CA PRO A 23 7.65 -24.38 0.19
C PRO A 23 8.03 -23.34 -0.86
N LEU A 24 7.05 -22.58 -1.35
CA LEU A 24 7.35 -21.65 -2.44
C LEU A 24 7.69 -20.25 -1.95
N PHE A 25 7.66 -20.08 -0.62
CA PHE A 25 7.91 -18.76 -0.01
C PHE A 25 8.94 -18.81 1.10
N GLU A 26 8.52 -19.06 2.34
CA GLU A 26 9.50 -19.11 3.45
C GLU A 26 10.68 -20.06 3.21
N LYS A 27 10.39 -21.21 2.61
CA LYS A 27 11.46 -22.21 2.46
C LYS A 27 12.54 -21.78 1.48
N LYS A 28 12.20 -20.85 0.60
CA LYS A 28 13.16 -20.27 -0.35
C LYS A 28 13.55 -18.83 0.00
N SER A 29 13.08 -18.35 1.15
CA SER A 29 13.16 -16.91 1.51
C SER A 29 12.59 -15.97 0.44
N LEU A 30 11.50 -16.37 -0.23
CA LEU A 30 10.80 -15.46 -1.11
C LEU A 30 9.55 -14.95 -0.41
N GLU A 31 9.23 -13.68 -0.65
CA GLU A 31 8.05 -13.04 -0.05
C GLU A 31 6.89 -13.00 -1.03
N ASP A 32 5.67 -13.19 -0.51
CA ASP A 32 4.49 -13.03 -1.33
C ASP A 32 4.13 -11.55 -1.49
N LYS A 33 3.20 -11.24 -2.38
CA LYS A 33 3.00 -9.84 -2.77
C LYS A 33 2.46 -8.90 -1.69
N THR A 34 1.80 -9.46 -0.68
CA THR A 34 1.14 -8.61 0.31
C THR A 34 1.48 -8.94 1.76
N GLU A 35 2.37 -9.90 1.98
CA GLU A 35 2.71 -10.22 3.38
C GLU A 35 3.36 -9.06 4.12
N ARG A 36 4.06 -8.16 3.40
CA ARG A 36 4.64 -6.96 4.02
C ARG A 36 3.59 -6.12 4.77
N GLU A 37 2.40 -6.05 4.19
CA GLU A 37 1.28 -5.33 4.79
C GLU A 37 0.93 -5.91 6.16
N LEU A 38 1.04 -7.22 6.31
CA LEU A 38 0.81 -7.85 7.63
C LEU A 38 1.89 -7.44 8.60
N LEU A 39 3.16 -7.58 8.19
CA LEU A 39 4.28 -7.26 9.10
C LEU A 39 4.30 -5.79 9.55
N GLU A 40 3.92 -4.89 8.63
CA GLU A 40 3.79 -3.49 8.92
C GLU A 40 2.68 -3.16 9.90
N SER A 41 1.60 -3.94 9.88
CA SER A 41 0.49 -3.69 10.79
C SER A 41 0.94 -3.85 12.26
N TYR A 42 2.08 -4.52 12.48
CA TYR A 42 2.61 -4.69 13.83
C TYR A 42 3.29 -3.42 14.31
N ILE A 43 3.83 -2.66 13.35
CA ILE A 43 4.61 -1.44 13.66
C ILE A 43 3.66 -0.27 13.88
N ASP A 44 3.03 0.19 12.79
CA ASP A 44 2.09 1.34 12.77
C ASP A 44 1.53 1.77 14.14
N ILE B 1 -14.65 -13.77 -1.19
CA ILE B 1 -13.83 -12.66 -0.70
C ILE B 1 -14.14 -11.40 -1.52
N VAL B 2 -14.43 -10.32 -0.81
CA VAL B 2 -14.77 -9.04 -1.44
C VAL B 2 -13.56 -8.13 -1.37
N GLU B 3 -13.24 -7.47 -2.49
CA GLU B 3 -12.15 -6.47 -2.54
C GLU B 3 -10.79 -7.10 -2.25
N GLY B 4 -10.65 -8.37 -2.62
CA GLY B 4 -9.38 -9.10 -2.52
C GLY B 4 -8.66 -9.12 -3.85
N SER B 5 -7.65 -9.97 -3.97
CA SER B 5 -7.01 -10.21 -5.23
C SER B 5 -6.70 -11.68 -5.39
N ASP B 6 -6.25 -12.07 -6.60
CA ASP B 6 -5.88 -13.44 -6.87
C ASP B 6 -4.70 -13.84 -6.00
N ALA B 7 -4.81 -15.01 -5.40
CA ALA B 7 -3.70 -15.59 -4.68
C ALA B 7 -2.57 -15.91 -5.64
N GLU B 8 -1.34 -15.86 -5.14
CA GLU B 8 -0.23 -16.38 -5.95
C GLU B 8 -0.21 -17.88 -5.74
N ILE B 9 0.41 -18.58 -6.67
CA ILE B 9 0.54 -20.03 -6.56
C ILE B 9 1.35 -20.43 -5.29
N GLY B 10 0.83 -21.40 -4.55
CA GLY B 10 1.42 -21.83 -3.27
C GLY B 10 1.33 -20.85 -2.10
N MET B 11 0.57 -19.76 -2.25
CA MET B 11 0.51 -18.71 -1.23
C MET B 11 -0.23 -19.19 0.04
N SER B 12 -1.22 -20.07 -0.15
CA SER B 12 -2.00 -20.60 0.97
C SER B 12 -2.09 -22.15 0.83
N PRO B 13 -0.96 -22.86 1.04
CA PRO B 13 -0.95 -24.30 0.70
C PRO B 13 -1.72 -25.16 1.70
N TRP B 14 -2.20 -24.53 2.78
CA TRP B 14 -3.14 -25.14 3.74
C TRP B 14 -4.59 -24.96 3.37
N GLN B 15 -4.86 -24.20 2.30
CA GLN B 15 -6.25 -24.00 1.86
C GLN B 15 -6.92 -25.30 1.40
N VAL B 16 -8.08 -25.60 1.96
CA VAL B 16 -8.83 -26.81 1.57
C VAL B 16 -10.22 -26.40 1.06
N MET B 17 -10.71 -27.09 0.03
CA MET B 17 -12.03 -26.84 -0.53
C MET B 17 -12.90 -28.01 -0.08
N LEU B 18 -14.00 -27.72 0.61
CA LEU B 18 -15.01 -28.75 0.88
C LEU B 18 -15.97 -28.79 -0.30
N PHE B 19 -16.16 -29.98 -0.86
CA PHE B 19 -16.85 -30.13 -2.17
C PHE B 19 -17.96 -31.17 -2.10
N ARG B 20 -19.13 -30.87 -2.70
CA ARG B 20 -20.26 -31.80 -2.81
C ARG B 20 -20.13 -32.56 -4.12
N LYS B 21 -20.10 -33.89 -4.06
CA LYS B 21 -19.92 -34.74 -5.25
C LYS B 21 -21.05 -34.59 -6.25
N SER B 22 -22.28 -34.60 -5.74
CA SER B 22 -23.45 -34.66 -6.60
C SER B 22 -24.70 -34.13 -5.89
N PRO B 23 -25.34 -33.07 -6.44
CA PRO B 23 -24.85 -32.37 -7.65
C PRO B 23 -23.63 -31.50 -7.30
N GLN B 24 -22.63 -31.48 -8.18
CA GLN B 24 -21.33 -30.97 -7.80
C GLN B 24 -21.37 -29.49 -7.42
N GLU B 25 -20.78 -29.18 -6.26
CA GLU B 25 -20.87 -27.87 -5.66
C GLU B 25 -19.70 -27.60 -4.74
N LEU B 26 -19.10 -26.42 -4.83
CA LEU B 26 -18.22 -25.95 -3.78
C LEU B 26 -19.11 -25.66 -2.55
N LEU B 27 -18.80 -26.24 -1.39
CA LEU B 27 -19.58 -25.99 -0.17
C LEU B 27 -19.00 -24.91 0.74
N CYS B 28 -17.68 -24.96 0.98
CA CYS B 28 -17.05 -24.14 2.03
C CYS B 28 -15.55 -24.26 1.85
N GLY B 29 -14.84 -23.42 2.58
CA GLY B 29 -13.40 -23.53 2.74
C GLY B 29 -13.10 -24.36 3.97
N ALA B 30 -11.81 -24.59 4.19
CA ALA B 30 -11.30 -25.40 5.29
C ALA B 30 -9.78 -25.25 5.29
N SER B 31 -9.12 -25.85 6.28
CA SER B 31 -7.68 -25.72 6.35
C SER B 31 -7.02 -27.01 6.79
N LEU B 32 -5.87 -27.28 6.16
CA LEU B 32 -5.06 -28.43 6.49
C LEU B 32 -4.16 -28.16 7.70
N ILE B 33 -4.31 -28.96 8.76
CA ILE B 33 -3.49 -28.72 9.95
C ILE B 33 -2.47 -29.83 10.24
N SER B 34 -2.58 -30.96 9.53
CA SER B 34 -1.56 -32.01 9.57
C SER B 34 -1.76 -32.85 8.32
N ASP B 35 -1.13 -34.01 8.22
CA ASP B 35 -1.36 -34.89 7.06
C ASP B 35 -2.74 -35.58 7.09
N ARG B 36 -3.48 -35.46 8.20
CA ARG B 36 -4.73 -36.23 8.35
C ARG B 36 -5.91 -35.48 9.00
N TRP B 37 -5.67 -34.24 9.43
CA TRP B 37 -6.72 -33.44 10.05
C TRP B 37 -6.96 -32.14 9.29
N VAL B 38 -8.25 -31.86 9.07
CA VAL B 38 -8.69 -30.63 8.41
C VAL B 38 -9.67 -29.93 9.32
N LEU B 39 -9.52 -28.60 9.45
CA LEU B 39 -10.37 -27.80 10.32
C LEU B 39 -11.36 -27.02 9.43
N THR B 40 -12.61 -26.85 9.88
CA THR B 40 -13.62 -26.07 9.11
C THR B 40 -14.63 -25.45 10.11
N ALA B 41 -15.62 -24.71 9.61
CA ALA B 41 -16.70 -24.17 10.46
C ALA B 41 -17.75 -25.27 10.72
N ALA B 42 -18.33 -25.33 11.93
CA ALA B 42 -19.36 -26.34 12.20
C ALA B 42 -20.57 -26.22 11.27
N HIS B 43 -20.92 -24.99 10.90
CA HIS B 43 -22.11 -24.73 10.10
C HIS B 43 -21.97 -25.14 8.65
N CYS B 44 -20.75 -25.40 8.21
CA CYS B 44 -20.52 -25.94 6.88
C CYS B 44 -20.96 -27.38 6.83
N LEU B 45 -21.10 -28.03 8.00
CA LEU B 45 -21.47 -29.45 8.08
C LEU B 45 -22.85 -29.68 8.66
N LEU B 46 -23.21 -28.84 9.63
CA LEU B 46 -24.46 -29.00 10.35
C LEU B 46 -25.10 -27.63 10.49
N TYR B 47 -26.23 -27.47 9.78
CA TYR B 47 -27.02 -26.26 9.91
C TYR B 47 -28.49 -26.57 9.66
N PRO B 48 -29.22 -27.03 10.71
CA PRO B 48 -30.61 -27.47 10.44
C PRO B 48 -31.59 -26.46 9.83
N PRO B 49 -31.41 -25.13 10.05
CA PRO B 49 -32.37 -24.21 9.40
C PRO B 49 -32.35 -24.30 7.87
N TRP B 50 -31.21 -24.71 7.31
CA TRP B 50 -31.05 -24.90 5.86
C TRP B 50 -31.16 -26.37 5.42
N ASP B 51 -31.72 -27.23 6.29
CA ASP B 51 -31.76 -28.69 6.07
C ASP B 51 -30.37 -29.30 5.75
N LYS B 52 -29.34 -28.76 6.40
CA LYS B 52 -27.98 -29.23 6.19
C LYS B 52 -27.47 -30.09 7.35
N ASN B 53 -27.13 -31.35 7.07
CA ASN B 53 -26.60 -32.23 8.12
C ASN B 53 -25.81 -33.36 7.45
N PHE B 54 -24.61 -33.04 6.97
CA PHE B 54 -23.79 -33.99 6.22
C PHE B 54 -23.16 -35.08 7.09
N THR B 55 -23.09 -36.31 6.56
CA THR B 55 -22.25 -37.37 7.14
C THR B 55 -20.89 -37.40 6.44
N GLU B 56 -19.98 -38.26 6.90
CA GLU B 56 -18.64 -38.38 6.31
C GLU B 56 -18.75 -38.73 4.83
N ASN B 57 -19.61 -39.70 4.53
CA ASN B 57 -19.83 -40.20 3.17
C ASN B 57 -20.37 -39.14 2.22
N ASP B 58 -20.85 -38.03 2.79
CA ASP B 58 -21.51 -36.95 2.08
C ASP B 58 -20.61 -35.97 1.34
N LEU B 59 -19.31 -35.98 1.61
CA LEU B 59 -18.43 -34.91 1.11
C LEU B 59 -17.03 -35.40 0.73
N LEU B 60 -16.33 -34.57 -0.04
CA LEU B 60 -14.91 -34.75 -0.34
C LEU B 60 -14.14 -33.48 0.08
N VAL B 61 -12.83 -33.62 0.26
CA VAL B 61 -12.01 -32.40 0.37
C VAL B 61 -11.03 -32.34 -0.78
N ARG B 62 -10.78 -31.13 -1.26
CA ARG B 62 -9.85 -30.91 -2.34
C ARG B 62 -8.73 -30.02 -1.81
N ILE B 63 -7.50 -30.53 -1.86
CA ILE B 63 -6.33 -29.88 -1.21
C ILE B 63 -5.31 -29.50 -2.29
N GLY B 64 -4.63 -28.37 -2.09
CA GLY B 64 -3.64 -27.89 -3.02
C GLY B 64 -4.18 -27.18 -4.25
N LYS B 65 -5.43 -26.68 -4.17
CA LYS B 65 -6.08 -26.03 -5.31
C LYS B 65 -5.77 -24.55 -5.46
N HIS B 66 -5.98 -24.08 -6.69
CA HIS B 66 -5.86 -22.68 -7.02
C HIS B 66 -7.09 -22.27 -7.85
N SER B 67 -7.24 -22.89 -9.02
CA SER B 67 -8.51 -22.75 -9.78
C SER B 67 -9.70 -23.28 -9.00
N ARG B 68 -10.78 -22.50 -8.99
CA ARG B 68 -12.00 -22.92 -8.37
C ARG B 68 -12.61 -24.18 -9.03
N THR B 69 -12.59 -24.21 -10.37
CA THR B 69 -13.43 -25.17 -11.12
C THR B 69 -12.65 -26.24 -11.90
N ARG B 70 -11.41 -25.92 -12.27
CA ARG B 70 -10.56 -26.88 -12.97
C ARG B 70 -10.13 -28.06 -12.09
N TYR B 71 -9.98 -29.24 -12.71
CA TYR B 71 -9.33 -30.37 -12.05
C TYR B 71 -7.83 -30.29 -12.25
N GLU B 72 -7.12 -29.94 -11.19
CA GLU B 72 -5.70 -29.61 -11.28
C GLU B 72 -4.91 -30.88 -11.06
N ARG B 73 -4.95 -31.75 -12.07
CA ARG B 73 -4.29 -33.04 -11.95
C ARG B 73 -2.78 -32.91 -11.67
N ASN B 74 -2.28 -33.81 -10.83
CA ASN B 74 -0.87 -33.85 -10.42
C ASN B 74 -0.51 -32.70 -9.47
N ILE B 75 -1.49 -31.85 -9.17
CA ILE B 75 -1.30 -30.72 -8.24
C ILE B 75 -2.23 -30.86 -7.04
N GLU B 76 -3.54 -30.82 -7.28
CA GLU B 76 -4.48 -31.03 -6.20
C GLU B 76 -4.57 -32.49 -5.80
N LYS B 77 -4.99 -32.72 -4.56
CA LYS B 77 -5.19 -34.06 -4.03
C LYS B 77 -6.62 -34.08 -3.52
N ILE B 78 -7.33 -35.19 -3.75
CA ILE B 78 -8.73 -35.26 -3.33
C ILE B 78 -8.81 -36.38 -2.32
N SER B 79 -9.44 -36.12 -1.18
CA SER B 79 -9.45 -37.09 -0.09
C SER B 79 -10.86 -37.32 0.40
N MET B 80 -11.09 -38.53 0.89
CA MET B 80 -12.35 -38.88 1.49
C MET B 80 -12.23 -38.67 2.97
N LEU B 81 -13.37 -38.49 3.61
CA LEU B 81 -13.43 -38.26 5.03
C LEU B 81 -13.67 -39.56 5.78
N GLU B 82 -12.95 -39.74 6.88
CA GLU B 82 -13.17 -40.88 7.75
C GLU B 82 -14.20 -40.63 8.87
N LYS B 83 -14.09 -39.48 9.53
CA LYS B 83 -15.07 -39.06 10.52
C LYS B 83 -15.09 -37.53 10.60
N ILE B 84 -16.27 -37.00 10.92
CA ILE B 84 -16.51 -35.58 11.17
C ILE B 84 -16.77 -35.42 12.66
N TYR B 85 -16.19 -34.39 13.25
CA TYR B 85 -16.40 -34.08 14.66
C TYR B 85 -16.83 -32.62 14.80
N ILE B 86 -18.04 -32.43 15.31
CA ILE B 86 -18.58 -31.08 15.51
C ILE B 86 -18.50 -30.75 16.99
N HIS B 87 -18.12 -29.52 17.32
CA HIS B 87 -18.11 -29.11 18.72
C HIS B 87 -19.48 -29.41 19.35
N PRO B 88 -19.48 -30.09 20.52
CA PRO B 88 -20.77 -30.45 21.15
C PRO B 88 -21.58 -29.26 21.68
N ARG B 89 -20.94 -28.10 21.81
CA ARG B 89 -21.62 -26.89 22.29
C ARG B 89 -21.74 -25.81 21.19
N TYR B 90 -21.58 -26.25 19.96
CA TYR B 90 -21.82 -25.42 18.78
C TYR B 90 -23.28 -24.95 18.81
N ASN B 91 -23.48 -23.64 18.75
CA ASN B 91 -24.80 -23.04 18.92
C ASN B 91 -25.44 -22.64 17.58
N TRP B 92 -25.97 -23.61 16.86
CA TRP B 92 -26.57 -23.33 15.54
C TRP B 92 -27.92 -22.63 15.66
N ARG B 93 -28.53 -22.75 16.84
CA ARG B 93 -29.85 -22.15 17.04
C ARG B 93 -29.81 -20.63 17.11
N GLU B 94 -28.70 -20.08 17.59
CA GLU B 94 -28.66 -18.67 17.93
C GLU B 94 -27.64 -17.91 17.12
N ASN B 95 -26.39 -17.98 17.56
CA ASN B 95 -25.36 -17.07 17.06
C ASN B 95 -24.14 -17.77 16.51
N LEU B 96 -24.22 -19.08 16.31
CA LEU B 96 -23.07 -19.79 15.75
C LEU B 96 -21.87 -19.80 16.72
N ASP B 97 -22.16 -19.69 18.02
CA ASP B 97 -21.10 -19.79 19.03
C ASP B 97 -20.38 -21.12 18.84
N ARG B 98 -19.05 -21.07 18.92
CA ARG B 98 -18.23 -22.29 18.74
C ARG B 98 -18.43 -22.97 17.38
N ASP B 99 -18.36 -22.16 16.31
CA ASP B 99 -18.51 -22.62 14.94
C ASP B 99 -17.23 -23.31 14.42
N ILE B 100 -17.05 -24.56 14.84
CA ILE B 100 -15.81 -25.26 14.58
C ILE B 100 -16.10 -26.75 14.41
N ALA B 101 -15.39 -27.36 13.47
CA ALA B 101 -15.47 -28.80 13.26
C ALA B 101 -14.12 -29.32 12.80
N LEU B 102 -13.86 -30.59 13.10
CA LEU B 102 -12.67 -31.26 12.62
C LEU B 102 -13.07 -32.38 11.68
N MET B 103 -12.28 -32.60 10.64
CA MET B 103 -12.52 -33.72 9.73
C MET B 103 -11.27 -34.59 9.60
N LYS B 104 -11.41 -35.89 9.85
CA LYS B 104 -10.28 -36.82 9.73
C LYS B 104 -10.29 -37.41 8.34
N LEU B 105 -9.15 -37.32 7.65
CA LEU B 105 -9.00 -37.90 6.32
C LEU B 105 -8.89 -39.41 6.41
N LYS B 106 -9.39 -40.09 5.39
CA LYS B 106 -9.35 -41.55 5.33
C LYS B 106 -7.94 -42.08 5.24
N LYS B 107 -7.09 -41.34 4.54
CA LYS B 107 -5.67 -41.63 4.42
C LYS B 107 -4.94 -40.31 4.54
N PRO B 108 -3.76 -40.33 5.19
CA PRO B 108 -2.85 -39.19 5.18
C PRO B 108 -2.56 -38.65 3.76
N VAL B 109 -2.50 -37.32 3.63
CA VAL B 109 -2.14 -36.70 2.36
C VAL B 109 -0.63 -36.42 2.29
N ALA B 110 -0.05 -36.57 1.10
CA ALA B 110 1.34 -36.18 0.87
C ALA B 110 1.49 -34.67 0.68
N PHE B 111 2.52 -34.13 1.29
CA PHE B 111 2.78 -32.71 1.18
C PHE B 111 3.57 -32.43 -0.11
N SER B 112 3.46 -31.21 -0.62
CA SER B 112 4.12 -30.77 -1.84
C SER B 112 4.33 -29.27 -1.77
N ASP B 113 4.81 -28.68 -2.88
CA ASP B 113 4.86 -27.22 -3.01
C ASP B 113 3.49 -26.55 -2.81
N TYR B 114 2.42 -27.30 -3.08
CA TYR B 114 1.05 -26.76 -3.04
C TYR B 114 0.24 -27.16 -1.82
N ILE B 115 0.78 -28.10 -1.06
CA ILE B 115 0.07 -28.73 0.05
C ILE B 115 1.00 -28.78 1.25
N HIS B 116 0.61 -28.08 2.31
CA HIS B 116 1.46 -27.91 3.48
C HIS B 116 0.57 -27.37 4.62
N PRO B 117 0.70 -27.91 5.84
CA PRO B 117 -0.21 -27.53 6.93
C PRO B 117 0.13 -26.17 7.55
N VAL B 118 -0.88 -25.53 8.13
CA VAL B 118 -0.71 -24.27 8.87
C VAL B 118 -0.48 -24.63 10.33
N CYS B 119 0.08 -23.71 11.13
CA CYS B 119 0.28 -23.97 12.56
C CYS B 119 -0.97 -23.49 13.28
N LEU B 120 -1.27 -24.15 14.39
CA LEU B 120 -2.24 -23.58 15.31
C LEU B 120 -1.46 -22.85 16.41
N PRO B 121 -2.02 -21.74 16.90
CA PRO B 121 -1.21 -20.94 17.82
C PRO B 121 -1.10 -21.60 19.20
N ASP B 122 0.05 -21.40 19.83
CA ASP B 122 0.20 -21.72 21.25
C ASP B 122 -0.36 -20.53 22.04
N ARG B 123 -0.51 -20.67 23.37
CA ARG B 123 -1.15 -19.61 24.17
C ARG B 123 -0.49 -18.24 24.03
N GLU B 124 0.83 -18.27 24.04
CA GLU B 124 1.65 -17.07 23.94
C GLU B 124 1.53 -16.41 22.56
N THR B 125 1.60 -17.20 21.50
CA THR B 125 1.43 -16.62 20.16
C THR B 125 0.04 -16.00 20.03
N ALA B 126 -0.98 -16.67 20.56
CA ALA B 126 -2.36 -16.20 20.44
C ALA B 126 -2.59 -14.88 21.18
N ALA B 127 -2.01 -14.78 22.38
CA ALA B 127 -2.10 -13.57 23.23
C ALA B 127 -1.32 -12.37 22.62
N SER B 128 -0.20 -12.67 21.98
CA SER B 128 0.65 -11.65 21.42
C SER B 128 0.04 -11.05 20.15
N LEU B 129 -0.51 -11.90 19.30
CA LEU B 129 -0.90 -11.47 17.93
C LEU B 129 -2.33 -11.09 17.78
N LEU B 130 -3.20 -11.60 18.64
CA LEU B 130 -4.62 -11.31 18.50
C LEU B 130 -4.91 -9.95 19.14
N GLN B 131 -4.51 -8.89 18.44
CA GLN B 131 -4.61 -7.55 19.02
C GLN B 131 -5.22 -6.62 17.98
N ALA B 132 -6.06 -5.68 18.45
CA ALA B 132 -6.68 -4.70 17.56
C ALA B 132 -5.64 -3.95 16.72
N GLY B 133 -5.94 -3.81 15.44
CA GLY B 133 -5.12 -3.09 14.47
C GLY B 133 -4.02 -3.92 13.82
N TYR B 134 -3.72 -5.10 14.36
CA TYR B 134 -2.83 -5.99 13.61
C TYR B 134 -3.70 -6.62 12.53
N LYS B 135 -3.07 -6.97 11.41
CA LYS B 135 -3.79 -7.56 10.30
C LYS B 135 -3.52 -9.05 10.19
N GLY B 136 -4.56 -9.77 9.79
CA GLY B 136 -4.42 -11.17 9.35
C GLY B 136 -4.93 -11.30 7.93
N ARG B 137 -4.95 -12.52 7.43
CA ARG B 137 -5.23 -12.77 6.06
C ARG B 137 -6.32 -13.81 5.95
N VAL B 138 -7.28 -13.56 5.07
CA VAL B 138 -8.37 -14.48 4.79
C VAL B 138 -8.37 -14.84 3.31
N THR B 139 -8.67 -16.10 3.06
CA THR B 139 -8.63 -16.67 1.71
C THR B 139 -9.86 -17.51 1.43
N GLY B 140 -10.24 -17.56 0.17
CA GLY B 140 -11.37 -18.38 -0.18
C GLY B 140 -11.85 -18.21 -1.62
N TRP B 141 -12.75 -19.12 -2.02
CA TRP B 141 -13.38 -19.08 -3.33
C TRP B 141 -14.82 -18.57 -3.29
N GLY B 142 -15.21 -17.92 -2.19
CA GLY B 142 -16.58 -17.42 -2.03
C GLY B 142 -16.91 -16.22 -2.87
N ASN B 143 -18.10 -15.67 -2.64
CA ASN B 143 -18.63 -14.62 -3.53
C ASN B 143 -17.78 -13.37 -3.50
N LEU B 144 -17.69 -12.73 -4.65
CA LEU B 144 -16.91 -11.51 -4.77
C LEU B 144 -17.66 -10.27 -4.27
N LYS B 145 -18.98 -10.35 -4.12
CA LYS B 145 -19.79 -9.23 -3.63
C LYS B 145 -21.00 -9.78 -2.92
N GLU B 146 -21.57 -8.97 -2.04
CA GLU B 146 -22.86 -9.31 -1.46
C GLU B 146 -23.95 -9.46 -2.56
N THR B 147 -24.51 -10.67 -2.69
CA THR B 147 -25.44 -11.00 -3.78
C THR B 147 -25.50 -12.54 -4.02
N LYS B 154 -23.79 -13.96 -6.66
CA LYS B 154 -23.39 -15.04 -7.56
C LYS B 154 -21.98 -14.84 -8.16
N GLY B 155 -21.49 -13.59 -8.09
CA GLY B 155 -20.14 -13.24 -8.57
C GLY B 155 -19.09 -14.13 -7.94
N GLN B 156 -18.49 -15.01 -8.75
CA GLN B 156 -17.64 -16.07 -8.23
C GLN B 156 -16.24 -16.04 -8.87
N PRO B 157 -15.15 -16.13 -8.06
CA PRO B 157 -13.82 -15.97 -8.66
C PRO B 157 -13.40 -17.18 -9.52
N SER B 158 -12.53 -16.94 -10.48
CA SER B 158 -11.94 -18.06 -11.20
C SER B 158 -10.83 -18.75 -10.40
N VAL B 159 -10.11 -18.02 -9.56
CA VAL B 159 -9.04 -18.61 -8.72
C VAL B 159 -9.15 -18.11 -7.27
N LEU B 160 -8.49 -18.82 -6.36
CA LEU B 160 -8.47 -18.46 -4.94
C LEU B 160 -8.22 -16.98 -4.72
N GLN B 161 -9.00 -16.36 -3.84
CA GLN B 161 -8.85 -14.94 -3.54
C GLN B 161 -8.22 -14.74 -2.16
N VAL B 162 -7.53 -13.62 -1.99
CA VAL B 162 -6.89 -13.28 -0.70
C VAL B 162 -7.20 -11.83 -0.37
N VAL B 163 -7.37 -11.57 0.93
CA VAL B 163 -7.45 -10.21 1.41
C VAL B 163 -6.87 -10.13 2.82
N ASN B 164 -6.18 -9.02 3.12
CA ASN B 164 -5.63 -8.82 4.46
C ASN B 164 -6.51 -7.83 5.23
N LEU B 165 -6.82 -8.09 6.50
CA LEU B 165 -7.84 -7.28 7.22
C LEU B 165 -7.40 -7.10 8.66
N PRO B 166 -7.60 -5.91 9.22
CA PRO B 166 -7.20 -5.68 10.62
C PRO B 166 -8.20 -6.25 11.61
N ILE B 167 -7.69 -6.84 12.70
CA ILE B 167 -8.49 -7.23 13.86
C ILE B 167 -9.10 -5.97 14.49
N VAL B 168 -10.35 -6.09 14.91
CA VAL B 168 -11.13 -4.98 15.46
C VAL B 168 -11.30 -5.17 16.98
N GLU B 169 -11.23 -4.07 17.75
CA GLU B 169 -11.42 -4.12 19.20
C GLU B 169 -12.79 -4.72 19.52
N ARG B 170 -12.85 -5.55 20.55
CA ARG B 170 -14.11 -6.20 20.96
C ARG B 170 -15.29 -5.21 21.18
N PRO B 171 -15.08 -4.06 21.86
CA PRO B 171 -16.26 -3.19 22.02
C PRO B 171 -16.85 -2.68 20.72
N VAL B 172 -16.01 -2.49 19.69
CA VAL B 172 -16.48 -2.05 18.37
C VAL B 172 -17.23 -3.20 17.65
N CYS B 173 -16.68 -4.42 17.73
CA CYS B 173 -17.37 -5.62 17.21
C CYS B 173 -18.77 -5.74 17.83
N LYS B 174 -18.83 -5.58 19.15
CA LYS B 174 -20.11 -5.74 19.88
C LYS B 174 -21.15 -4.72 19.47
N ASP B 175 -20.71 -3.47 19.39
CA ASP B 175 -21.59 -2.34 19.13
C ASP B 175 -22.03 -2.31 17.66
N SER B 176 -21.36 -3.09 16.82
CA SER B 176 -21.62 -3.09 15.37
C SER B 176 -22.82 -3.93 14.97
N THR B 177 -23.31 -4.77 15.88
CA THR B 177 -24.28 -5.80 15.54
C THR B 177 -25.26 -6.04 16.68
N ARG B 178 -26.49 -6.38 16.32
CA ARG B 178 -27.51 -6.80 17.29
C ARG B 178 -27.37 -8.28 17.68
N ILE B 179 -26.60 -9.03 16.91
CA ILE B 179 -26.34 -10.42 17.27
C ILE B 179 -25.49 -10.48 18.53
N ARG B 180 -25.80 -11.41 19.43
CA ARG B 180 -25.01 -11.60 20.66
C ARG B 180 -23.65 -12.21 20.32
N ILE B 181 -22.57 -11.48 20.59
CA ILE B 181 -21.23 -12.00 20.23
C ILE B 181 -20.62 -12.64 21.47
N THR B 182 -19.68 -13.55 21.28
CA THR B 182 -19.09 -14.27 22.39
C THR B 182 -17.57 -14.24 22.32
N ASP B 183 -16.93 -14.62 23.42
CA ASP B 183 -15.47 -14.74 23.52
C ASP B 183 -14.89 -15.80 22.58
N ASN B 184 -15.75 -16.64 22.02
CA ASN B 184 -15.30 -17.64 21.04
C ASN B 184 -15.31 -17.08 19.62
N MET B 185 -15.54 -15.78 19.51
CA MET B 185 -15.53 -15.07 18.21
C MET B 185 -14.59 -13.88 18.27
N PHE B 186 -14.03 -13.51 17.13
CA PHE B 186 -13.49 -12.14 16.98
C PHE B 186 -13.92 -11.59 15.64
N CYS B 187 -13.80 -10.29 15.46
CA CYS B 187 -14.16 -9.71 14.16
C CYS B 187 -12.99 -8.95 13.54
N ALA B 188 -13.02 -8.78 12.23
CA ALA B 188 -11.95 -8.12 11.53
C ALA B 188 -12.55 -7.36 10.36
N GLY B 189 -11.86 -6.32 9.94
CA GLY B 189 -12.30 -5.51 8.80
C GLY B 189 -11.94 -4.07 9.05
N TYR B 190 -11.96 -3.27 7.99
CA TYR B 190 -11.71 -1.84 8.11
C TYR B 190 -12.94 -1.12 8.66
N LYS B 191 -12.68 -0.07 9.43
CA LYS B 191 -13.74 0.80 9.90
C LYS B 191 -14.18 1.71 8.75
N PRO B 192 -15.39 2.29 8.89
CA PRO B 192 -15.75 3.29 7.92
C PRO B 192 -14.75 4.42 8.08
N ASP B 193 -14.34 5.02 6.97
CA ASP B 193 -13.38 6.12 7.00
C ASP B 193 -11.91 5.70 7.14
N GLU B 194 -11.62 4.40 7.24
CA GLU B 194 -10.21 3.93 7.22
C GLU B 194 -9.58 3.88 5.82
N GLY B 195 -10.40 4.12 4.79
CA GLY B 195 -9.87 4.32 3.44
C GLY B 195 -9.52 3.06 2.68
N LYS B 196 -9.89 1.89 3.22
CA LYS B 196 -9.72 0.59 2.56
C LYS B 196 -10.96 -0.27 2.85
N ARG B 197 -11.21 -1.29 2.03
CA ARG B 197 -12.39 -2.15 2.18
C ARG B 197 -11.96 -3.62 2.11
N GLY B 198 -12.91 -4.54 2.23
CA GLY B 198 -12.59 -5.96 2.15
C GLY B 198 -13.30 -6.80 3.20
N ASP B 199 -13.67 -8.02 2.82
CA ASP B 199 -14.38 -8.93 3.73
C ASP B 199 -14.37 -10.28 3.13
N ALA B 200 -14.64 -11.27 3.97
CA ALA B 200 -15.10 -12.56 3.48
C ALA B 200 -16.60 -12.47 3.14
N CYS B 201 -17.13 -13.53 2.51
CA CYS B 201 -18.49 -13.54 2.04
C CYS B 201 -19.02 -14.97 1.95
N GLU B 202 -20.23 -15.12 1.43
CA GLU B 202 -20.84 -16.44 1.35
C GLU B 202 -19.99 -17.37 0.46
N GLY B 203 -19.71 -18.55 0.95
CA GLY B 203 -18.81 -19.47 0.22
C GLY B 203 -17.40 -19.51 0.81
N ASP B 204 -17.07 -18.53 1.67
CA ASP B 204 -15.77 -18.48 2.34
C ASP B 204 -15.74 -19.14 3.73
N ALA B 205 -16.89 -19.40 4.37
CA ALA B 205 -16.91 -20.03 5.70
C ALA B 205 -16.02 -21.24 5.77
N GLY B 206 -15.39 -21.41 6.93
CA GLY B 206 -14.53 -22.57 7.19
C GLY B 206 -13.09 -22.32 6.77
N GLY B 207 -12.88 -21.33 5.92
CA GLY B 207 -11.54 -20.92 5.49
C GLY B 207 -10.80 -20.26 6.65
N PRO B 208 -9.46 -20.19 6.54
CA PRO B 208 -8.66 -19.76 7.66
C PRO B 208 -8.40 -18.26 7.66
N PHE B 209 -8.38 -17.69 8.88
CA PHE B 209 -7.91 -16.33 9.11
C PHE B 209 -6.51 -16.55 9.69
N VAL B 210 -5.48 -16.16 8.94
CA VAL B 210 -4.12 -16.51 9.36
C VAL B 210 -3.29 -15.29 9.64
N MET B 211 -2.26 -15.48 10.45
CA MET B 211 -1.34 -14.39 10.77
C MET B 211 0.08 -14.91 10.65
N LYS B 212 0.98 -14.07 10.16
CA LYS B 212 2.40 -14.44 10.07
C LYS B 212 3.13 -13.94 11.29
N SER B 213 3.71 -14.87 12.03
CA SER B 213 4.43 -14.53 13.26
C SER B 213 5.70 -13.76 12.96
N PRO B 214 5.91 -12.64 13.67
CA PRO B 214 7.16 -11.97 13.51
C PRO B 214 8.23 -12.72 14.34
N PHE B 215 7.82 -13.63 15.23
CA PHE B 215 8.77 -14.36 16.13
C PHE B 215 9.50 -15.53 15.47
N ASN B 216 8.89 -16.13 14.47
CA ASN B 216 9.47 -17.34 13.87
C ASN B 216 9.11 -17.52 12.36
N ASN B 217 8.53 -16.48 11.76
CA ASN B 217 8.20 -16.47 10.31
C ASN B 217 7.19 -17.52 9.87
N ARG B 218 6.49 -18.10 10.86
CA ARG B 218 5.51 -19.14 10.54
C ARG B 218 4.11 -18.53 10.44
N TRP B 219 3.29 -19.16 9.62
CA TRP B 219 1.88 -18.80 9.55
C TRP B 219 1.04 -19.58 10.56
N TYR B 220 0.20 -18.84 11.27
CA TYR B 220 -0.68 -19.40 12.29
C TYR B 220 -2.15 -19.13 11.97
N GLN B 221 -2.99 -20.14 12.13
CA GLN B 221 -4.43 -19.96 11.94
C GLN B 221 -5.09 -19.51 13.25
N MET B 222 -5.43 -18.23 13.28
CA MET B 222 -6.08 -17.61 14.43
C MET B 222 -7.60 -17.75 14.37
N GLY B 223 -8.17 -17.80 13.16
CA GLY B 223 -9.64 -17.76 13.02
C GLY B 223 -10.18 -18.68 11.94
N ILE B 224 -11.50 -18.89 11.97
CA ILE B 224 -12.21 -19.61 10.90
C ILE B 224 -13.34 -18.66 10.46
N VAL B 225 -13.39 -18.38 9.16
CA VAL B 225 -14.51 -17.60 8.63
C VAL B 225 -15.83 -18.24 9.09
N SER B 226 -16.66 -17.46 9.78
CA SER B 226 -17.93 -17.97 10.34
C SER B 226 -19.17 -17.24 9.78
N TRP B 227 -19.33 -15.96 10.11
CA TRP B 227 -20.57 -15.28 9.72
C TRP B 227 -20.41 -13.78 9.58
N GLY B 228 -21.45 -13.13 9.08
CA GLY B 228 -21.44 -11.66 8.95
C GLY B 228 -22.87 -11.22 8.72
N GLU B 229 -23.02 -9.99 8.33
CA GLU B 229 -24.30 -9.47 7.96
C GLU B 229 -24.03 -8.89 6.63
N GLY B 230 -24.50 -9.54 5.60
CA GLY B 230 -24.08 -9.17 4.28
C GLY B 230 -22.57 -9.33 4.13
N CYS B 231 -21.96 -8.58 3.24
CA CYS B 231 -20.52 -8.62 3.07
C CYS B 231 -20.03 -7.23 2.73
N ASP B 232 -18.91 -6.87 3.34
CA ASP B 232 -18.22 -5.59 3.09
C ASP B 232 -19.11 -4.36 3.25
N ARG B 233 -20.09 -4.44 4.13
CA ARG B 233 -20.92 -3.25 4.41
C ARG B 233 -20.20 -2.29 5.35
N ASP B 234 -20.38 -0.99 5.13
CA ASP B 234 -19.84 0.01 6.05
C ASP B 234 -20.34 -0.18 7.48
N GLY B 235 -19.41 -0.25 8.43
CA GLY B 235 -19.77 -0.30 9.86
C GLY B 235 -20.12 -1.72 10.34
N LYS B 236 -19.98 -2.70 9.45
CA LYS B 236 -20.12 -4.12 9.83
C LYS B 236 -18.73 -4.75 9.68
N TYR B 237 -18.52 -5.90 10.35
CA TYR B 237 -17.24 -6.59 10.42
C TYR B 237 -17.51 -8.07 10.26
N GLY B 238 -16.57 -8.75 9.63
CA GLY B 238 -16.61 -10.22 9.50
C GLY B 238 -16.36 -10.86 10.85
N PHE B 239 -17.10 -11.93 11.18
CA PHE B 239 -16.86 -12.66 12.40
C PHE B 239 -16.19 -13.98 12.16
N TYR B 240 -15.27 -14.35 13.05
CA TYR B 240 -14.40 -15.53 12.88
C TYR B 240 -14.42 -16.31 14.16
N THR B 241 -14.39 -17.63 14.03
CA THR B 241 -14.28 -18.50 15.18
C THR B 241 -12.88 -18.34 15.80
N HIS B 242 -12.82 -18.20 17.12
CA HIS B 242 -11.55 -17.96 17.84
C HIS B 242 -10.90 -19.32 18.08
N VAL B 243 -9.95 -19.66 17.20
CA VAL B 243 -9.35 -21.01 17.21
C VAL B 243 -8.68 -21.39 18.52
N PHE B 244 -7.88 -20.47 19.05
CA PHE B 244 -7.14 -20.78 20.27
C PHE B 244 -8.10 -21.04 21.45
N ARG B 245 -9.15 -20.22 21.53
CA ARG B 245 -10.17 -20.39 22.58
C ARG B 245 -10.77 -21.79 22.57
N LEU B 246 -10.81 -22.41 21.39
CA LEU B 246 -11.38 -23.75 21.26
C LEU B 246 -10.33 -24.86 21.10
N LYS B 247 -9.06 -24.51 21.36
CA LYS B 247 -7.98 -25.48 21.17
C LYS B 247 -8.04 -26.68 22.14
N LYS B 248 -8.56 -26.51 23.35
CA LYS B 248 -8.70 -27.64 24.26
C LYS B 248 -9.61 -28.72 23.65
N TRP B 249 -10.69 -28.29 22.99
CA TRP B 249 -11.56 -29.22 22.25
C TRP B 249 -10.85 -29.93 21.10
N ILE B 250 -10.15 -29.17 20.25
CA ILE B 250 -9.37 -29.76 19.17
C ILE B 250 -8.45 -30.85 19.70
N GLN B 251 -7.72 -30.52 20.75
CA GLN B 251 -6.80 -31.45 21.44
C GLN B 251 -7.54 -32.69 21.92
N LYS B 252 -8.69 -32.49 22.58
CA LYS B 252 -9.50 -33.60 23.14
C LYS B 252 -9.91 -34.58 22.02
N VAL B 253 -10.36 -34.04 20.90
CA VAL B 253 -10.81 -34.84 19.75
C VAL B 253 -9.68 -35.62 19.10
N ILE B 254 -8.59 -34.90 18.80
CA ILE B 254 -7.45 -35.51 18.15
C ILE B 254 -6.85 -36.62 19.04
N ASP B 255 -6.85 -36.40 20.35
CA ASP B 255 -6.33 -37.42 21.30
C ASP B 255 -7.19 -38.68 21.48
N GLN B 256 -8.47 -38.59 21.13
CA GLN B 256 -9.41 -39.71 21.25
C GLN B 256 -9.69 -40.31 19.88
N PHE B 257 -9.50 -39.47 18.86
CA PHE B 257 -10.04 -39.61 17.50
C PHE B 257 -11.55 -39.28 17.42
N ALA C 1 -31.39 -8.40 21.69
CA ALA C 1 -31.26 -9.80 21.30
C ALA C 1 -31.95 -10.12 19.97
N THR C 2 -31.25 -9.96 18.82
CA THR C 2 -31.83 -10.42 17.53
C THR C 2 -30.83 -10.90 16.46
N ASN C 3 -30.97 -12.18 16.10
CA ASN C 3 -30.15 -12.82 15.05
C ASN C 3 -30.85 -12.85 13.67
N ALA C 4 -31.90 -12.05 13.51
CA ALA C 4 -32.68 -12.03 12.27
C ALA C 4 -31.81 -11.85 11.00
N THR C 5 -30.75 -11.03 11.11
CA THR C 5 -29.90 -10.69 9.96
C THR C 5 -28.59 -11.49 9.91
N LEU C 6 -28.47 -12.51 10.76
CA LEU C 6 -27.22 -13.34 10.77
C LEU C 6 -27.08 -14.14 9.49
N ASP C 7 -25.93 -13.99 8.82
CA ASP C 7 -25.70 -14.64 7.54
C ASP C 7 -24.51 -15.56 7.69
N PRO C 8 -24.77 -16.86 7.94
CA PRO C 8 -23.66 -17.81 7.96
C PRO C 8 -22.95 -17.80 6.62
N ARG C 9 -21.63 -17.80 6.65
CA ARG C 9 -20.86 -17.69 5.40
C ARG C 9 -20.65 -18.97 4.53
N SER C 10 -21.49 -19.96 4.63
CA SER C 10 -21.56 -20.60 3.30
C SER C 10 -22.82 -20.76 2.42
N PHE C 11 -22.75 -20.18 1.22
CA PHE C 11 -23.59 -20.62 0.10
C PHE C 11 -22.87 -20.72 -1.26
N LEU C 12 -23.51 -21.39 -2.22
CA LEU C 12 -22.78 -22.14 -3.25
C LEU C 12 -23.32 -21.96 -4.68
N LEU C 13 -22.53 -22.44 -5.65
CA LEU C 13 -22.86 -22.43 -7.09
C LEU C 13 -21.69 -22.94 -7.97
N ARG C 14 -22.00 -23.25 -9.24
CA ARG C 14 -21.00 -23.48 -10.29
C ARG C 14 -21.13 -22.33 -11.28
N ASN C 15 -20.39 -21.25 -11.03
CA ASN C 15 -20.69 -19.93 -11.64
C ASN C 15 -20.65 -19.79 -13.18
N PRO C 16 -19.69 -20.46 -13.87
CA PRO C 16 -19.74 -20.42 -15.33
C PRO C 16 -21.12 -20.84 -15.85
N ASN C 17 -21.70 -21.84 -15.17
CA ASN C 17 -23.04 -22.40 -15.40
C ASN C 17 -22.92 -23.91 -15.63
N ASP C 18 -23.48 -24.68 -14.69
CA ASP C 18 -23.52 -26.14 -14.76
C ASP C 18 -22.17 -26.87 -14.58
N LYS C 19 -21.06 -26.14 -14.35
CA LYS C 19 -19.73 -26.79 -14.48
C LYS C 19 -18.51 -26.50 -13.57
N TYR C 20 -18.16 -27.54 -12.85
CA TYR C 20 -16.81 -27.86 -12.42
C TYR C 20 -16.33 -28.97 -13.35
N GLU C 21 -15.01 -29.12 -13.51
CA GLU C 21 -14.50 -30.22 -14.35
C GLU C 21 -14.50 -31.50 -13.50
N PRO C 22 -14.76 -32.67 -14.11
CA PRO C 22 -14.79 -33.93 -13.36
C PRO C 22 -13.42 -34.34 -12.78
N PHE C 23 -13.47 -35.10 -11.68
CA PHE C 23 -12.28 -35.66 -11.04
C PHE C 23 -12.41 -37.09 -10.48
N TRP C 24 -11.23 -37.70 -10.32
CA TRP C 24 -10.91 -38.92 -9.53
C TRP C 24 -10.99 -40.29 -10.23
N GLU C 25 -12.20 -40.85 -10.23
CA GLU C 25 -12.44 -42.28 -10.50
C GLU C 25 -11.61 -43.23 -9.62
N SER D 1 11.10 18.62 -32.38
CA SER D 1 10.19 19.69 -31.87
C SER D 1 11.02 20.84 -31.32
N GLU D 2 10.40 22.03 -31.27
CA GLU D 2 11.02 23.22 -30.67
C GLU D 2 10.34 23.56 -29.33
N TYR D 3 10.11 24.85 -29.08
CA TYR D 3 9.31 25.29 -27.94
C TYR D 3 8.36 26.43 -28.34
N GLN D 4 7.09 26.33 -27.94
CA GLN D 4 6.19 27.48 -28.06
C GLN D 4 5.76 27.94 -26.66
N THR D 5 5.92 29.24 -26.42
CA THR D 5 5.57 29.85 -25.14
C THR D 5 4.07 29.79 -24.87
N PHE D 6 3.72 29.63 -23.60
CA PHE D 6 2.35 29.52 -23.18
C PHE D 6 1.92 30.78 -22.45
N PHE D 7 2.83 31.33 -21.68
CA PHE D 7 2.52 32.42 -20.78
C PHE D 7 2.74 33.76 -21.49
N ASN D 8 2.13 34.80 -20.93
CA ASN D 8 2.32 36.15 -21.47
C ASN D 8 3.52 36.79 -20.78
N PRO D 9 4.60 37.09 -21.55
CA PRO D 9 5.80 37.69 -20.96
C PRO D 9 5.53 38.94 -20.11
N ARG D 10 4.49 39.72 -20.45
CA ARG D 10 4.14 40.92 -19.69
C ARG D 10 3.88 40.62 -18.21
N THR D 11 3.24 39.49 -17.95
CA THR D 11 2.95 39.06 -16.58
C THR D 11 3.88 37.95 -16.05
N PHE D 12 4.32 37.06 -16.93
CA PHE D 12 5.21 35.96 -16.56
C PHE D 12 6.66 36.43 -16.33
N GLY D 13 7.04 37.52 -16.97
CA GLY D 13 8.45 37.91 -16.98
C GLY D 13 9.17 37.20 -18.12
N SER D 14 10.48 37.42 -18.21
CA SER D 14 11.29 36.81 -19.27
C SER D 14 11.69 35.38 -18.89
N GLY D 15 12.07 34.61 -19.89
CA GLY D 15 12.73 33.35 -19.62
C GLY D 15 12.03 32.13 -20.12
N GLU D 16 10.76 32.27 -20.52
CA GLU D 16 10.02 31.09 -20.96
C GLU D 16 10.57 30.47 -22.24
N ALA D 17 10.83 31.32 -23.24
CA ALA D 17 11.28 30.89 -24.55
C ALA D 17 12.49 29.94 -24.52
N ASP D 18 13.43 30.23 -23.61
CA ASP D 18 14.64 29.43 -23.45
C ASP D 18 14.58 28.45 -22.27
N CYS D 19 13.39 28.18 -21.74
CA CYS D 19 13.30 27.35 -20.53
C CYS D 19 13.87 25.94 -20.75
N GLY D 20 14.34 25.35 -19.65
CA GLY D 20 14.65 23.92 -19.63
C GLY D 20 15.91 23.49 -20.39
N LEU D 21 16.65 24.46 -20.91
CA LEU D 21 17.94 24.21 -21.56
C LEU D 21 19.04 24.76 -20.67
N ARG D 22 19.91 23.89 -20.15
CA ARG D 22 20.88 24.33 -19.13
C ARG D 22 22.17 24.85 -19.71
N PRO D 23 22.62 26.01 -19.24
CA PRO D 23 23.84 26.63 -19.75
C PRO D 23 25.04 25.71 -19.70
N LEU D 24 25.16 24.91 -18.63
CA LEU D 24 26.34 24.07 -18.48
C LEU D 24 26.21 22.68 -19.12
N PHE D 25 25.04 22.37 -19.67
CA PHE D 25 24.81 21.08 -20.27
C PHE D 25 24.32 21.13 -21.72
N GLU D 26 23.02 21.32 -21.93
CA GLU D 26 22.46 21.35 -23.30
C GLU D 26 23.09 22.43 -24.15
N LYS D 27 23.32 23.60 -23.58
CA LYS D 27 23.88 24.74 -24.34
C LYS D 27 25.31 24.46 -24.79
N LYS D 28 26.00 23.57 -24.07
CA LYS D 28 27.39 23.23 -24.37
C LYS D 28 27.51 21.83 -24.96
N SER D 29 26.38 21.23 -25.30
CA SER D 29 26.33 19.87 -25.84
C SER D 29 26.97 18.84 -24.92
N LEU D 30 26.75 19.01 -23.62
CA LEU D 30 27.26 18.08 -22.60
C LEU D 30 26.10 17.42 -21.88
N GLU D 31 26.27 16.14 -21.59
CA GLU D 31 25.30 15.40 -20.80
C GLU D 31 25.73 15.28 -19.35
N ASP D 32 24.76 15.30 -18.44
CA ASP D 32 25.05 15.08 -17.05
C ASP D 32 25.19 13.57 -16.77
N LYS D 33 25.71 13.23 -15.60
CA LYS D 33 26.11 11.87 -15.31
C LYS D 33 24.97 10.84 -15.32
N THR D 34 23.73 11.30 -15.16
CA THR D 34 22.61 10.35 -15.07
C THR D 34 21.41 10.58 -16.02
N GLU D 35 21.47 11.59 -16.90
CA GLU D 35 20.33 11.84 -17.77
C GLU D 35 20.07 10.70 -18.79
N ARG D 36 21.12 9.97 -19.13
CA ARG D 36 20.98 8.82 -20.05
C ARG D 36 20.06 7.77 -19.42
N GLU D 37 20.04 7.71 -18.08
CA GLU D 37 19.11 6.83 -17.38
C GLU D 37 17.66 7.26 -17.61
N LEU D 38 17.38 8.56 -17.61
CA LEU D 38 16.05 9.05 -17.98
C LEU D 38 15.71 8.66 -19.41
N LEU D 39 16.63 8.92 -20.34
CA LEU D 39 16.46 8.57 -21.73
C LEU D 39 16.18 7.07 -21.91
N GLU D 40 16.89 6.24 -21.13
CA GLU D 40 16.80 4.76 -21.26
C GLU D 40 15.41 4.30 -20.82
N SER D 41 14.85 5.00 -19.83
CA SER D 41 13.51 4.70 -19.26
C SER D 41 12.39 4.93 -20.28
N TYR D 42 12.72 5.59 -21.38
CA TYR D 42 11.84 5.62 -22.53
C TYR D 42 12.08 4.42 -23.47
N ILE D 43 13.34 4.01 -23.64
CA ILE D 43 13.72 3.05 -24.72
C ILE D 43 13.11 1.67 -24.53
N ASP D 44 13.26 1.10 -23.35
CA ASP D 44 12.71 -0.23 -23.06
C ASP D 44 11.19 -0.24 -23.22
N GLY D 45 10.64 0.96 -23.49
CA GLY D 45 9.22 1.18 -23.73
C GLY D 45 8.69 0.51 -24.98
N ILE E 1 16.64 13.99 0.27
CA ILE E 1 16.74 12.91 -0.78
C ILE E 1 17.45 11.68 -0.24
N VAL E 2 16.78 10.52 -0.32
CA VAL E 2 17.29 9.26 0.20
C VAL E 2 17.85 8.45 -0.96
N GLU E 3 19.09 8.02 -0.83
CA GLU E 3 19.74 7.18 -1.86
C GLU E 3 19.95 7.90 -3.19
N GLY E 4 20.16 9.21 -3.10
CA GLY E 4 20.59 10.02 -4.24
C GLY E 4 22.10 10.19 -4.28
N SER E 5 22.54 11.14 -5.11
CA SER E 5 23.93 11.55 -5.23
C SER E 5 24.05 13.06 -5.25
N ASP E 6 25.29 13.52 -5.08
CA ASP E 6 25.56 14.94 -5.18
C ASP E 6 25.19 15.37 -6.60
N ALA E 7 24.46 16.48 -6.71
CA ALA E 7 24.17 17.08 -8.02
C ALA E 7 25.48 17.63 -8.58
N GLU E 8 25.59 17.70 -9.90
CA GLU E 8 26.71 18.39 -10.52
C GLU E 8 26.40 19.86 -10.54
N ILE E 9 27.45 20.67 -10.68
CA ILE E 9 27.26 22.10 -10.70
C ILE E 9 26.44 22.46 -11.98
N GLY E 10 25.38 23.24 -11.78
CA GLY E 10 24.52 23.69 -12.85
C GLY E 10 23.60 22.61 -13.42
N MET E 11 23.45 21.49 -12.70
CA MET E 11 22.64 20.38 -13.19
C MET E 11 21.12 20.66 -13.06
N SER E 12 20.76 21.49 -12.09
CA SER E 12 19.37 21.84 -11.82
C SER E 12 19.32 23.34 -11.51
N PRO E 13 19.55 24.19 -12.53
CA PRO E 13 19.70 25.63 -12.27
C PRO E 13 18.38 26.31 -11.96
N TRP E 14 17.30 25.53 -11.96
CA TRP E 14 15.99 26.01 -11.57
C TRP E 14 15.71 25.73 -10.11
N GLN E 15 16.59 24.98 -9.44
CA GLN E 15 16.35 24.63 -8.04
C GLN E 15 16.43 25.88 -7.15
N VAL E 16 15.39 26.09 -6.37
CA VAL E 16 15.29 27.22 -5.45
C VAL E 16 15.24 26.69 -4.03
N MET E 17 15.88 27.38 -3.11
CA MET E 17 15.75 27.07 -1.69
C MET E 17 14.83 28.10 -1.02
N LEU E 18 13.83 27.62 -0.29
CA LEU E 18 13.01 28.48 0.51
C LEU E 18 13.64 28.50 1.90
N PHE E 19 13.89 29.69 2.40
CA PHE E 19 14.70 29.87 3.58
C PHE E 19 13.93 30.76 4.53
N ARG E 20 13.57 30.23 5.71
CA ARG E 20 12.77 30.99 6.68
C ARG E 20 13.61 32.13 7.21
N LYS E 21 12.95 33.30 7.33
CA LYS E 21 13.55 34.48 7.92
C LYS E 21 13.78 34.25 9.42
N SER E 22 12.73 33.88 10.14
CA SER E 22 12.84 33.65 11.58
C SER E 22 11.87 32.60 12.13
N PRO E 23 12.41 31.56 12.79
CA PRO E 23 13.81 31.12 12.94
C PRO E 23 14.46 30.64 11.63
N GLN E 24 15.79 30.82 11.52
CA GLN E 24 16.56 30.53 10.29
C GLN E 24 16.87 29.05 10.06
N GLU E 25 16.54 28.58 8.86
CA GLU E 25 16.56 27.16 8.51
C GLU E 25 16.13 26.99 7.06
N LEU E 26 16.37 25.79 6.52
CA LEU E 26 15.79 25.40 5.24
C LEU E 26 14.30 25.12 5.51
N LEU E 27 13.42 25.77 4.77
CA LEU E 27 12.00 25.40 4.88
C LEU E 27 11.64 24.33 3.86
N CYS E 28 12.11 24.50 2.62
CA CYS E 28 11.61 23.68 1.54
C CYS E 28 12.46 23.92 0.30
N GLY E 29 12.26 23.09 -0.72
CA GLY E 29 12.65 23.47 -2.08
C GLY E 29 11.61 24.24 -2.85
N ALA E 30 11.96 24.61 -4.07
CA ALA E 30 11.09 25.34 -4.93
C ALA E 30 11.75 25.32 -6.30
N SER E 31 11.09 25.93 -7.26
CA SER E 31 11.61 25.97 -8.60
C SER E 31 11.36 27.31 -9.26
N LEU E 32 12.36 27.71 -10.05
CA LEU E 32 12.30 28.92 -10.82
C LEU E 32 11.63 28.65 -12.16
N ILE E 33 10.54 29.36 -12.46
CA ILE E 33 9.82 29.16 -13.73
C ILE E 33 9.91 30.36 -14.70
N SER E 34 10.38 31.51 -14.19
CA SER E 34 10.71 32.68 -15.02
C SER E 34 11.66 33.55 -14.22
N ASP E 35 11.92 34.78 -14.68
CA ASP E 35 12.79 35.68 -13.93
C ASP E 35 12.07 36.25 -12.70
N ARG E 36 10.79 35.94 -12.55
CA ARG E 36 9.95 36.54 -11.49
C ARG E 36 9.02 35.61 -10.73
N TRP E 37 8.87 34.36 -11.19
CA TRP E 37 7.93 33.44 -10.57
C TRP E 37 8.61 32.20 -10.06
N VAL E 38 8.19 31.77 -8.87
CA VAL E 38 8.76 30.60 -8.21
C VAL E 38 7.61 29.72 -7.73
N LEU E 39 7.79 28.42 -7.90
CA LEU E 39 6.74 27.46 -7.67
C LEU E 39 7.17 26.60 -6.51
N THR E 40 6.23 26.29 -5.61
CA THR E 40 6.53 25.42 -4.47
C THR E 40 5.24 24.73 -4.02
N ALA E 41 5.34 23.97 -2.92
CA ALA E 41 4.19 23.25 -2.38
C ALA E 41 3.44 24.17 -1.43
N ALA E 42 2.11 24.17 -1.54
CA ALA E 42 1.29 24.99 -0.65
C ALA E 42 1.61 24.73 0.82
N HIS E 43 1.92 23.47 1.19
CA HIS E 43 2.13 23.15 2.61
C HIS E 43 3.44 23.68 3.20
N CYS E 44 4.34 24.13 2.34
CA CYS E 44 5.55 24.82 2.77
C CYS E 44 5.19 26.20 3.30
N LEU E 45 4.00 26.68 2.92
CA LEU E 45 3.57 28.03 3.23
C LEU E 45 2.39 28.05 4.21
N LEU E 46 1.45 27.13 3.99
CA LEU E 46 0.24 27.02 4.80
C LEU E 46 0.00 25.56 5.18
N TYR E 47 0.22 25.27 6.46
CA TYR E 47 -0.13 23.98 7.04
C TYR E 47 -0.59 24.17 8.49
N PRO E 48 -1.91 24.37 8.69
CA PRO E 48 -2.44 24.61 10.04
C PRO E 48 -2.06 23.53 11.07
N PRO E 49 -1.94 22.24 10.67
CA PRO E 49 -1.57 21.22 11.67
C PRO E 49 -0.16 21.38 12.27
N TRP E 50 0.69 22.18 11.63
CA TRP E 50 1.98 22.52 12.24
C TRP E 50 2.01 24.00 12.61
N ASP E 51 0.82 24.61 12.71
CA ASP E 51 0.65 26.04 12.92
C ASP E 51 1.36 26.94 11.92
N LYS E 52 1.41 26.49 10.66
CA LYS E 52 2.10 27.19 9.58
C LYS E 52 1.16 28.00 8.70
N ASN E 53 1.40 29.32 8.63
CA ASN E 53 0.68 30.23 7.75
C ASN E 53 1.58 31.41 7.38
N PHE E 54 2.48 31.18 6.43
CA PHE E 54 3.49 32.18 6.09
C PHE E 54 2.99 33.36 5.26
N THR E 55 3.50 34.54 5.60
CA THR E 55 3.27 35.75 4.80
C THR E 55 4.55 36.08 4.02
N GLU E 56 4.45 37.01 3.07
CA GLU E 56 5.59 37.38 2.20
C GLU E 56 6.84 37.79 2.98
N ASN E 57 6.70 38.77 3.86
CA ASN E 57 7.81 39.23 4.70
C ASN E 57 8.51 38.10 5.47
N ASP E 58 7.84 36.95 5.58
CA ASP E 58 8.28 35.86 6.44
C ASP E 58 9.42 35.00 5.86
N LEU E 59 9.77 35.21 4.60
CA LEU E 59 10.69 34.29 3.93
C LEU E 59 11.62 34.96 2.93
N LEU E 60 12.56 34.16 2.42
CA LEU E 60 13.45 34.57 1.34
C LEU E 60 13.62 33.36 0.47
N VAL E 61 14.13 33.58 -0.75
CA VAL E 61 14.57 32.45 -1.55
C VAL E 61 16.02 32.60 -1.98
N ARG E 62 16.68 31.47 -2.20
CA ARG E 62 18.07 31.45 -2.58
C ARG E 62 18.16 30.64 -3.84
N ILE E 63 18.58 31.32 -4.90
CA ILE E 63 18.57 30.76 -6.25
C ILE E 63 20.01 30.52 -6.71
N GLY E 64 20.24 29.41 -7.41
CA GLY E 64 21.56 29.12 -7.96
C GLY E 64 22.50 28.46 -6.98
N LYS E 65 21.96 27.83 -5.94
CA LYS E 65 22.77 27.20 -4.90
C LYS E 65 23.18 25.77 -5.22
N HIS E 66 24.26 25.35 -4.56
CA HIS E 66 24.77 24.00 -4.62
C HIS E 66 25.02 23.53 -3.19
N SER E 67 25.88 24.25 -2.48
CA SER E 67 26.05 24.00 -1.06
C SER E 67 24.77 24.35 -0.31
N ARG E 68 24.43 23.57 0.70
CA ARG E 68 23.30 23.87 1.51
C ARG E 68 23.48 25.07 2.44
N THR E 69 24.60 25.15 3.09
CA THR E 69 24.78 26.13 4.21
C THR E 69 25.63 27.36 3.93
N ARG E 70 26.46 27.29 2.89
CA ARG E 70 27.33 28.40 2.53
C ARG E 70 26.58 29.50 1.77
N TYR E 71 27.12 30.71 1.88
CA TYR E 71 26.63 31.86 1.14
C TYR E 71 27.52 32.00 -0.09
N GLU E 72 27.04 31.42 -1.18
CA GLU E 72 27.85 31.23 -2.39
C GLU E 72 27.96 32.53 -3.18
N ARG E 73 28.73 33.47 -2.64
CA ARG E 73 28.83 34.82 -3.20
C ARG E 73 29.14 34.82 -4.71
N ASN E 74 28.45 35.69 -5.43
CA ASN E 74 28.59 35.84 -6.89
C ASN E 74 28.12 34.63 -7.70
N ILE E 75 27.55 33.64 -7.02
CA ILE E 75 26.92 32.49 -7.71
C ILE E 75 25.42 32.49 -7.41
N GLU E 76 25.07 32.43 -6.12
CA GLU E 76 23.68 32.47 -5.71
C GLU E 76 23.10 33.88 -5.66
N LYS E 77 21.77 33.96 -5.65
CA LYS E 77 21.09 35.25 -5.60
C LYS E 77 20.00 35.14 -4.57
N ILE E 78 19.95 36.09 -3.64
CA ILE E 78 18.93 36.08 -2.61
C ILE E 78 17.82 37.00 -3.05
N SER E 79 16.58 36.51 -2.99
CA SER E 79 15.47 37.31 -3.47
C SER E 79 14.36 37.38 -2.44
N MET E 80 13.78 38.57 -2.31
CA MET E 80 12.66 38.77 -1.40
C MET E 80 11.38 38.46 -2.15
N LEU E 81 10.32 38.17 -1.41
CA LEU E 81 9.02 37.86 -1.99
C LEU E 81 8.13 39.10 -2.07
N GLU E 82 7.11 39.06 -2.93
CA GLU E 82 6.14 40.14 -3.06
C GLU E 82 4.67 39.72 -2.88
N LYS E 83 4.30 38.55 -3.41
CA LYS E 83 2.96 37.98 -3.24
C LYS E 83 2.96 36.45 -3.32
N ILE E 84 2.33 35.82 -2.34
CA ILE E 84 2.18 34.36 -2.32
C ILE E 84 0.75 34.02 -2.71
N TYR E 85 0.57 33.07 -3.62
CA TYR E 85 -0.76 32.55 -3.89
C TYR E 85 -0.85 31.06 -3.65
N ILE E 86 -1.81 30.69 -2.82
CA ILE E 86 -2.11 29.29 -2.51
C ILE E 86 -3.36 28.94 -3.33
N HIS E 87 -3.38 27.73 -3.91
CA HIS E 87 -4.55 27.26 -4.67
C HIS E 87 -5.80 27.23 -3.77
N PRO E 88 -6.92 27.82 -4.24
CA PRO E 88 -8.16 28.01 -3.45
C PRO E 88 -8.85 26.72 -2.97
N ARG E 89 -8.49 25.58 -3.55
CA ARG E 89 -9.09 24.33 -3.14
C ARG E 89 -8.03 23.35 -2.63
N TYR E 90 -6.92 23.91 -2.13
CA TYR E 90 -5.88 23.16 -1.47
C TYR E 90 -6.42 22.55 -0.18
N ASN E 91 -6.25 21.24 -0.08
CA ASN E 91 -6.86 20.42 0.97
C ASN E 91 -5.83 19.93 1.97
N TRP E 92 -5.59 20.74 3.00
CA TRP E 92 -4.59 20.43 4.03
C TRP E 92 -5.12 19.47 5.11
N ARG E 93 -6.45 19.45 5.26
CA ARG E 93 -7.12 18.66 6.29
C ARG E 93 -6.99 17.16 6.08
N GLU E 94 -7.15 16.73 4.84
CA GLU E 94 -7.21 15.30 4.52
C GLU E 94 -5.89 14.82 3.91
N ASN E 95 -5.66 15.19 2.65
CA ASN E 95 -4.73 14.48 1.78
C ASN E 95 -3.79 15.36 0.97
N LEU E 96 -3.71 16.64 1.32
CA LEU E 96 -2.82 17.55 0.62
C LEU E 96 -3.16 17.66 -0.88
N ASP E 97 -4.45 17.55 -1.21
CA ASP E 97 -4.91 17.73 -2.60
C ASP E 97 -4.61 19.16 -3.05
N ARG E 98 -4.13 19.30 -4.29
CA ARG E 98 -3.78 20.63 -4.86
C ARG E 98 -2.72 21.35 -4.00
N ASP E 99 -1.64 20.62 -3.69
CA ASP E 99 -0.56 21.12 -2.84
C ASP E 99 0.38 22.01 -3.66
N ILE E 100 -0.16 23.11 -4.18
CA ILE E 100 0.58 23.93 -5.12
C ILE E 100 0.47 25.39 -4.70
N ALA E 101 1.56 26.14 -4.87
CA ALA E 101 1.60 27.57 -4.53
C ALA E 101 2.53 28.32 -5.45
N LEU E 102 2.21 29.58 -5.71
CA LEU E 102 3.09 30.43 -6.51
C LEU E 102 3.61 31.60 -5.69
N MET E 103 4.88 31.91 -5.91
CA MET E 103 5.51 33.07 -5.27
C MET E 103 6.05 34.03 -6.33
N LYS E 104 5.80 35.32 -6.11
CA LYS E 104 6.30 36.39 -6.99
C LYS E 104 7.53 37.03 -6.37
N LEU E 105 8.61 37.14 -7.13
CA LEU E 105 9.76 37.86 -6.64
C LEU E 105 9.46 39.36 -6.68
N LYS E 106 10.08 40.09 -5.75
CA LYS E 106 9.96 41.55 -5.65
C LYS E 106 10.59 42.24 -6.87
N LYS E 107 11.70 41.67 -7.34
CA LYS E 107 12.45 42.16 -8.50
C LYS E 107 12.91 40.93 -9.28
N PRO E 108 13.03 41.04 -10.62
CA PRO E 108 13.43 39.87 -11.41
C PRO E 108 14.88 39.43 -11.16
N VAL E 109 15.14 38.13 -11.28
CA VAL E 109 16.49 37.60 -11.09
C VAL E 109 17.23 37.50 -12.44
N ALA E 110 18.52 37.81 -12.42
CA ALA E 110 19.35 37.66 -13.61
C ALA E 110 19.72 36.19 -13.75
N PHE E 111 19.63 35.71 -14.99
CA PHE E 111 20.00 34.33 -15.28
C PHE E 111 21.50 34.23 -15.45
N SER E 112 22.01 33.00 -15.30
CA SER E 112 23.43 32.75 -15.35
C SER E 112 23.67 31.29 -15.63
N ASP E 113 24.95 30.86 -15.63
CA ASP E 113 25.27 29.44 -15.70
C ASP E 113 24.56 28.61 -14.61
N TYR E 114 24.22 29.25 -13.49
CA TYR E 114 23.67 28.56 -12.29
C TYR E 114 22.18 28.81 -12.04
N ILE E 115 21.62 29.75 -12.80
CA ILE E 115 20.25 30.21 -12.62
C ILE E 115 19.55 30.26 -13.98
N HIS E 116 18.54 29.42 -14.13
CA HIS E 116 17.82 29.27 -15.41
C HIS E 116 16.50 28.57 -15.15
N PRO E 117 15.39 29.07 -15.74
CA PRO E 117 14.08 28.47 -15.44
C PRO E 117 13.85 27.11 -16.09
N VAL E 118 13.03 26.31 -15.43
CA VAL E 118 12.52 25.05 -15.97
C VAL E 118 11.29 25.33 -16.82
N CYS E 119 10.95 24.42 -17.74
CA CYS E 119 9.71 24.57 -18.50
C CYS E 119 8.55 23.98 -17.71
N LEU E 120 7.36 24.57 -17.87
CA LEU E 120 6.13 23.92 -17.42
C LEU E 120 5.50 23.19 -18.61
N PRO E 121 4.99 21.97 -18.38
CA PRO E 121 4.52 21.22 -19.54
C PRO E 121 3.24 21.78 -20.19
N ASP E 122 3.19 21.71 -21.52
CA ASP E 122 1.95 21.88 -22.29
C ASP E 122 1.14 20.61 -22.16
N ARG E 123 -0.04 20.58 -22.80
CA ARG E 123 -0.94 19.43 -22.74
C ARG E 123 -0.37 18.13 -23.27
N GLU E 124 0.18 18.18 -24.49
CA GLU E 124 0.69 16.99 -25.18
C GLU E 124 1.92 16.41 -24.49
N THR E 125 2.83 17.29 -24.07
CA THR E 125 4.02 16.89 -23.31
C THR E 125 3.60 16.16 -22.04
N ALA E 126 2.69 16.78 -21.29
CA ALA E 126 2.18 16.19 -20.07
C ALA E 126 1.56 14.81 -20.31
N ALA E 127 0.80 14.67 -21.39
CA ALA E 127 0.17 13.39 -21.75
C ALA E 127 1.18 12.32 -22.17
N SER E 128 2.21 12.70 -22.93
CA SER E 128 3.14 11.69 -23.45
C SER E 128 4.18 11.21 -22.46
N LEU E 129 4.55 12.09 -21.53
CA LEU E 129 5.65 11.80 -20.60
C LEU E 129 5.23 11.24 -19.25
N LEU E 130 4.08 11.66 -18.76
CA LEU E 130 3.62 11.16 -17.46
C LEU E 130 3.02 9.76 -17.60
N GLN E 131 3.92 8.79 -17.80
CA GLN E 131 3.51 7.39 -17.97
C GLN E 131 4.28 6.53 -16.95
N ALA E 132 3.60 5.53 -16.40
CA ALA E 132 4.23 4.56 -15.53
C ALA E 132 5.39 3.89 -16.24
N GLY E 133 6.52 3.79 -15.55
CA GLY E 133 7.71 3.18 -16.11
C GLY E 133 8.76 4.18 -16.53
N TYR E 134 8.34 5.37 -16.95
CA TYR E 134 9.30 6.41 -17.33
C TYR E 134 9.84 7.07 -16.07
N LYS E 135 11.09 7.48 -16.13
CA LYS E 135 11.71 8.10 -14.96
C LYS E 135 11.72 9.60 -15.01
N GLY E 136 11.60 10.23 -13.84
CA GLY E 136 11.83 11.66 -13.65
C GLY E 136 12.93 11.85 -12.61
N ARG E 137 13.27 13.10 -12.33
CA ARG E 137 14.39 13.40 -11.48
C ARG E 137 13.93 14.31 -10.36
N VAL E 138 14.32 13.99 -9.13
CA VAL E 138 13.95 14.85 -8.01
C VAL E 138 15.22 15.38 -7.32
N THR E 139 15.18 16.63 -6.83
CA THR E 139 16.36 17.26 -6.24
C THR E 139 15.95 17.96 -4.98
N GLY E 140 16.90 18.02 -4.04
CA GLY E 140 16.65 18.72 -2.80
C GLY E 140 17.79 18.64 -1.82
N TRP E 141 17.66 19.45 -0.76
CA TRP E 141 18.59 19.51 0.32
C TRP E 141 17.98 18.86 1.57
N GLY E 142 16.92 18.09 1.39
CA GLY E 142 16.24 17.44 2.51
C GLY E 142 17.00 16.27 3.07
N ASN E 143 16.35 15.62 4.04
CA ASN E 143 16.98 14.58 4.82
C ASN E 143 17.42 13.40 3.96
N LEU E 144 18.56 12.82 4.32
CA LEU E 144 19.15 11.68 3.61
C LEU E 144 18.54 10.33 3.98
N LYS E 145 17.79 10.29 5.07
CA LYS E 145 17.08 9.07 5.48
C LYS E 145 15.91 9.41 6.39
N GLU E 146 14.98 8.47 6.53
CA GLU E 146 13.78 8.70 7.35
C GLU E 146 14.12 8.98 8.81
N THR E 147 15.01 8.18 9.39
CA THR E 147 15.48 8.41 10.76
C THR E 147 16.58 9.48 10.75
N GLY E 155 20.40 13.50 9.38
CA GLY E 155 21.44 13.58 8.38
C GLY E 155 21.03 14.42 7.18
N GLN E 156 21.48 15.67 7.15
CA GLN E 156 21.27 16.52 5.99
C GLN E 156 22.51 16.52 5.09
N PRO E 157 22.30 16.70 3.77
CA PRO E 157 23.41 16.67 2.84
C PRO E 157 24.15 17.99 2.84
N SER E 158 25.42 17.94 2.50
CA SER E 158 26.22 19.17 2.42
C SER E 158 25.96 19.92 1.13
N VAL E 159 25.68 19.17 0.06
CA VAL E 159 25.35 19.76 -1.23
C VAL E 159 24.06 19.16 -1.80
N LEU E 160 23.48 19.85 -2.79
CA LEU E 160 22.24 19.42 -3.43
C LEU E 160 22.28 17.98 -3.88
N GLN E 161 21.20 17.24 -3.60
CA GLN E 161 21.11 15.81 -3.92
C GLN E 161 20.17 15.59 -5.08
N VAL E 162 20.40 14.52 -5.84
CA VAL E 162 19.58 14.22 -7.02
C VAL E 162 19.33 12.72 -7.01
N VAL E 163 18.10 12.36 -7.40
CA VAL E 163 17.74 10.96 -7.59
C VAL E 163 16.77 10.81 -8.76
N ASN E 164 16.97 9.77 -9.56
CA ASN E 164 16.01 9.51 -10.67
C ASN E 164 15.07 8.38 -10.24
N LEU E 165 13.76 8.57 -10.47
CA LEU E 165 12.75 7.60 -9.99
C LEU E 165 11.63 7.42 -11.02
N PRO E 166 11.13 6.16 -11.16
CA PRO E 166 10.08 5.88 -12.14
C PRO E 166 8.69 6.29 -11.64
N ILE E 167 7.86 6.76 -12.57
CA ILE E 167 6.48 7.06 -12.28
C ILE E 167 5.79 5.73 -12.08
N VAL E 168 4.84 5.70 -11.16
CA VAL E 168 4.16 4.44 -10.81
C VAL E 168 2.70 4.49 -11.24
N GLU E 169 2.14 3.35 -11.65
CA GLU E 169 0.74 3.28 -12.09
C GLU E 169 -0.21 3.67 -10.95
N ARG E 170 -1.27 4.40 -11.28
CA ARG E 170 -2.21 4.92 -10.29
C ARG E 170 -2.83 3.83 -9.39
N PRO E 171 -3.23 2.67 -9.96
CA PRO E 171 -3.68 1.57 -9.09
C PRO E 171 -2.65 1.08 -8.07
N VAL E 172 -1.37 1.06 -8.45
CA VAL E 172 -0.33 0.70 -7.51
C VAL E 172 -0.15 1.80 -6.45
N CYS E 173 -0.15 3.06 -6.89
CA CYS E 173 -0.18 4.23 -5.99
C CYS E 173 -1.35 4.15 -4.98
N LYS E 174 -2.53 3.87 -5.52
CA LYS E 174 -3.77 3.74 -4.75
C LYS E 174 -3.67 2.60 -3.73
N ASP E 175 -3.28 1.41 -4.20
CA ASP E 175 -3.17 0.24 -3.33
C ASP E 175 -2.16 0.45 -2.20
N SER E 176 -1.10 1.22 -2.47
CA SER E 176 0.02 1.42 -1.52
C SER E 176 -0.31 2.24 -0.27
N THR E 177 -1.47 2.89 -0.26
CA THR E 177 -1.81 3.85 0.80
C THR E 177 -3.31 3.92 1.15
N ARG E 178 -3.58 4.18 2.43
CA ARG E 178 -4.92 4.44 2.96
C ARG E 178 -5.42 5.86 2.62
N ILE E 179 -4.50 6.76 2.27
CA ILE E 179 -4.89 8.13 1.93
C ILE E 179 -5.64 8.09 0.60
N ARG E 180 -6.76 8.80 0.51
CA ARG E 180 -7.50 8.93 -0.73
C ARG E 180 -6.63 9.76 -1.67
N ILE E 181 -6.23 9.16 -2.79
CA ILE E 181 -5.39 9.89 -3.75
C ILE E 181 -6.25 10.45 -4.88
N THR E 182 -5.87 11.62 -5.37
CA THR E 182 -6.71 12.31 -6.34
C THR E 182 -5.96 12.37 -7.68
N ASP E 183 -6.66 12.76 -8.74
CA ASP E 183 -5.99 12.88 -10.03
C ASP E 183 -5.00 14.05 -10.07
N ASN E 184 -4.97 14.85 -9.00
CA ASN E 184 -4.07 16.01 -8.89
C ASN E 184 -2.74 15.63 -8.22
N MET E 185 -2.55 14.33 -8.02
CA MET E 185 -1.32 13.78 -7.52
C MET E 185 -0.87 12.67 -8.45
N PHE E 186 0.44 12.44 -8.48
CA PHE E 186 0.96 11.20 -9.00
C PHE E 186 2.01 10.69 -8.01
N CYS E 187 2.39 9.44 -8.17
CA CYS E 187 3.38 8.88 -7.27
C CYS E 187 4.55 8.29 -8.05
N ALA E 188 5.70 8.23 -7.39
CA ALA E 188 6.91 7.69 -8.01
C ALA E 188 7.80 7.00 -6.99
N GLY E 189 8.61 6.07 -7.48
CA GLY E 189 9.54 5.35 -6.63
C GLY E 189 9.67 3.96 -7.19
N TYR E 190 10.71 3.24 -6.79
CA TYR E 190 10.86 1.86 -7.20
C TYR E 190 9.97 0.92 -6.42
N LYS E 191 9.54 -0.16 -7.07
CA LYS E 191 8.85 -1.25 -6.37
C LYS E 191 9.83 -2.16 -5.65
N PRO E 192 9.34 -2.92 -4.66
CA PRO E 192 10.15 -3.82 -3.81
C PRO E 192 11.13 -4.75 -4.52
N ASP E 193 10.90 -5.05 -5.79
CA ASP E 193 11.76 -6.02 -6.49
C ASP E 193 12.65 -5.45 -7.62
N GLU E 194 12.76 -4.13 -7.68
CA GLU E 194 13.34 -3.49 -8.83
C GLU E 194 14.85 -3.28 -8.73
N GLY E 195 15.41 -3.61 -7.57
CA GLY E 195 16.87 -3.58 -7.34
C GLY E 195 17.50 -2.22 -7.12
N LYS E 196 16.65 -1.21 -6.97
CA LYS E 196 17.08 0.16 -6.71
C LYS E 196 16.05 0.75 -5.76
N ARG E 197 16.44 1.77 -5.02
CA ARG E 197 15.48 2.39 -4.12
C ARG E 197 15.71 3.89 -4.19
N GLY E 198 15.16 4.65 -3.24
CA GLY E 198 15.34 6.10 -3.26
C GLY E 198 14.03 6.85 -3.19
N ASP E 199 14.09 8.06 -2.66
CA ASP E 199 12.84 8.80 -2.43
C ASP E 199 13.22 10.24 -2.09
N ALA E 200 12.21 11.11 -2.07
CA ALA E 200 12.38 12.41 -1.48
C ALA E 200 12.07 12.23 0.02
N CYS E 201 12.31 13.27 0.80
CA CYS E 201 12.10 13.14 2.25
C CYS E 201 11.85 14.52 2.82
N GLU E 202 11.71 14.61 4.14
CA GLU E 202 11.44 15.87 4.78
C GLU E 202 12.52 16.93 4.49
N GLY E 203 12.07 18.11 4.03
CA GLY E 203 12.98 19.20 3.62
C GLY E 203 13.05 19.32 2.10
N ASP E 204 12.65 18.25 1.42
CA ASP E 204 12.59 18.25 -0.04
C ASP E 204 11.28 18.81 -0.60
N ALA E 205 10.24 18.96 0.24
CA ALA E 205 8.95 19.44 -0.30
C ALA E 205 9.11 20.70 -1.12
N GLY E 206 8.28 20.86 -2.14
CA GLY E 206 8.30 22.09 -2.94
C GLY E 206 9.31 22.02 -4.07
N GLY E 207 10.23 21.07 -3.98
CA GLY E 207 11.24 20.83 -5.00
C GLY E 207 10.63 20.19 -6.22
N PRO E 208 11.30 20.31 -7.37
CA PRO E 208 10.68 19.85 -8.60
C PRO E 208 10.95 18.37 -8.95
N PHE E 209 9.97 17.74 -9.58
CA PHE E 209 10.10 16.40 -10.18
C PHE E 209 10.10 16.75 -11.67
N VAL E 210 11.25 16.58 -12.32
CA VAL E 210 11.44 17.02 -13.71
C VAL E 210 11.65 15.82 -14.63
N MET E 211 11.36 16.04 -15.90
CA MET E 211 11.59 15.01 -16.90
C MET E 211 12.21 15.72 -18.08
N LYS E 212 13.09 15.02 -18.79
CA LYS E 212 13.69 15.58 -19.98
C LYS E 212 12.89 15.09 -21.16
N SER E 213 12.32 16.03 -21.93
CA SER E 213 11.48 15.68 -23.06
C SER E 213 12.34 15.01 -24.12
N PRO E 214 11.83 13.89 -24.69
CA PRO E 214 12.55 13.29 -25.79
C PRO E 214 12.25 14.02 -27.11
N PHE E 215 11.22 14.88 -27.11
CA PHE E 215 10.82 15.62 -28.33
C PHE E 215 11.63 16.90 -28.57
N ASN E 216 12.20 17.52 -27.53
CA ASN E 216 12.96 18.78 -27.72
C ASN E 216 14.19 19.06 -26.80
N ASN E 217 14.63 18.03 -26.08
CA ASN E 217 15.84 18.10 -25.25
C ASN E 217 15.69 19.06 -24.09
N ARG E 218 14.45 19.47 -23.78
CA ARG E 218 14.22 20.41 -22.64
C ARG E 218 13.71 19.69 -21.39
N TRP E 219 13.94 20.32 -20.24
CA TRP E 219 13.53 19.78 -18.96
C TRP E 219 12.19 20.41 -18.61
N TYR E 220 11.24 19.57 -18.20
CA TYR E 220 9.90 20.03 -17.82
C TYR E 220 9.60 19.66 -16.39
N GLN E 221 8.94 20.57 -15.66
CA GLN E 221 8.55 20.26 -14.31
C GLN E 221 7.17 19.63 -14.27
N MET E 222 7.12 18.34 -13.97
CA MET E 222 5.87 17.60 -13.99
C MET E 222 5.21 17.55 -12.63
N GLY E 223 6.02 17.59 -11.57
CA GLY E 223 5.53 17.43 -10.20
C GLY E 223 6.21 18.37 -9.22
N ILE E 224 5.62 18.48 -8.04
CA ILE E 224 6.23 19.15 -6.90
C ILE E 224 6.25 18.14 -5.74
N VAL E 225 7.41 17.93 -5.11
CA VAL E 225 7.54 17.04 -3.94
C VAL E 225 6.47 17.47 -2.93
N SER E 226 5.60 16.55 -2.56
CA SER E 226 4.50 16.89 -1.65
C SER E 226 4.56 16.10 -0.33
N TRP E 227 4.31 14.78 -0.40
CA TRP E 227 4.22 13.96 0.80
C TRP E 227 4.54 12.48 0.60
N GLY E 228 4.60 11.77 1.71
CA GLY E 228 4.90 10.36 1.71
C GLY E 228 4.53 9.81 3.06
N GLU E 229 4.70 8.54 3.25
CA GLU E 229 4.63 7.99 4.56
C GLU E 229 6.00 7.44 4.88
N GLY E 230 6.68 8.08 5.81
CA GLY E 230 8.09 7.92 6.01
C GLY E 230 8.84 8.32 4.74
N CYS E 231 10.01 7.74 4.52
CA CYS E 231 10.77 8.01 3.30
C CYS E 231 11.41 6.69 2.90
N ASP E 232 11.33 6.39 1.61
CA ASP E 232 12.01 5.21 1.06
C ASP E 232 11.65 3.89 1.73
N ARG E 233 10.39 3.76 2.14
CA ARG E 233 9.96 2.49 2.74
C ARG E 233 9.58 1.55 1.63
N ASP E 234 9.87 0.28 1.82
CA ASP E 234 9.44 -0.76 0.87
C ASP E 234 7.93 -0.75 0.72
N GLY E 235 7.47 -0.69 -0.54
CA GLY E 235 6.04 -0.74 -0.86
C GLY E 235 5.29 0.57 -0.69
N LYS E 236 6.04 1.65 -0.41
CA LYS E 236 5.53 3.00 -0.32
C LYS E 236 6.15 3.81 -1.46
N TYR E 237 5.48 4.89 -1.83
CA TYR E 237 5.89 5.74 -2.95
C TYR E 237 5.78 7.19 -2.50
N GLY E 238 6.62 8.04 -3.08
CA GLY E 238 6.54 9.48 -2.85
C GLY E 238 5.41 10.05 -3.70
N PHE E 239 4.71 11.04 -3.15
CA PHE E 239 3.58 11.67 -3.83
C PHE E 239 3.92 13.09 -4.22
N TYR E 240 3.48 13.44 -5.42
CA TYR E 240 3.87 14.68 -6.08
C TYR E 240 2.63 15.41 -6.59
N THR E 241 2.63 16.73 -6.43
CA THR E 241 1.56 17.57 -6.97
C THR E 241 1.67 17.54 -8.50
N HIS E 242 0.54 17.22 -9.15
CA HIS E 242 0.48 17.09 -10.60
C HIS E 242 0.42 18.48 -11.25
N VAL E 243 1.57 18.98 -11.71
CA VAL E 243 1.67 20.38 -12.12
C VAL E 243 0.75 20.73 -13.29
N PHE E 244 0.72 19.87 -14.32
CA PHE E 244 -0.11 20.17 -15.47
C PHE E 244 -1.61 20.27 -15.14
N ARG E 245 -2.09 19.38 -14.29
CA ARG E 245 -3.50 19.45 -13.88
C ARG E 245 -3.84 20.78 -13.22
N LEU E 246 -2.85 21.45 -12.63
CA LEU E 246 -3.09 22.69 -11.90
C LEU E 246 -2.60 23.93 -12.65
N LYS E 247 -2.31 23.75 -13.94
CA LYS E 247 -1.73 24.81 -14.77
C LYS E 247 -2.72 25.93 -15.13
N LYS E 248 -4.00 25.61 -15.24
CA LYS E 248 -5.03 26.62 -15.43
C LYS E 248 -5.06 27.61 -14.27
N TRP E 249 -4.82 27.13 -13.05
CA TRP E 249 -4.74 28.01 -11.89
C TRP E 249 -3.47 28.83 -11.90
N ILE E 250 -2.34 28.18 -12.14
CA ILE E 250 -1.07 28.88 -12.36
C ILE E 250 -1.27 30.03 -13.37
N GLN E 251 -1.90 29.73 -14.51
CA GLN E 251 -2.11 30.76 -15.56
C GLN E 251 -3.16 31.82 -15.23
N LYS E 252 -3.84 31.63 -14.10
CA LYS E 252 -4.81 32.59 -13.56
C LYS E 252 -4.15 33.57 -12.56
N VAL E 253 -3.25 33.05 -11.71
CA VAL E 253 -2.53 33.89 -10.72
C VAL E 253 -1.56 34.88 -11.39
N ILE E 254 -0.66 34.35 -12.22
CA ILE E 254 0.29 35.14 -12.98
C ILE E 254 -0.44 36.27 -13.72
N ASP E 255 -1.41 35.90 -14.55
CA ASP E 255 -2.14 36.88 -15.39
C ASP E 255 -2.89 37.96 -14.62
N GLN E 256 -2.90 37.89 -13.28
CA GLN E 256 -3.63 38.85 -12.47
C GLN E 256 -2.77 39.59 -11.44
N PHE E 257 -1.66 38.98 -11.05
CA PHE E 257 -0.79 39.53 -10.00
C PHE E 257 0.63 39.84 -10.46
N GLY E 258 0.91 39.57 -11.72
CA GLY E 258 2.29 39.41 -12.15
C GLY E 258 3.03 40.67 -12.55
N ALA F 1 -10.61 7.76 4.71
CA ALA F 1 -9.86 8.94 5.14
C ALA F 1 -9.28 8.77 6.56
N THR F 2 -8.27 7.90 6.67
CA THR F 2 -7.44 7.82 7.88
C THR F 2 -6.07 8.39 7.55
N ASN F 3 -6.04 9.71 7.40
CA ASN F 3 -4.85 10.41 6.96
C ASN F 3 -3.79 10.62 8.05
N ALA F 4 -4.08 10.13 9.26
CA ALA F 4 -3.16 10.20 10.40
C ALA F 4 -1.70 9.91 10.05
N THR F 5 -1.48 8.93 9.17
CA THR F 5 -0.12 8.54 8.75
C THR F 5 0.54 9.46 7.73
N LEU F 6 -0.16 10.46 7.20
CA LEU F 6 0.43 11.31 6.12
C LEU F 6 1.59 12.18 6.63
N ASP F 7 2.73 12.11 5.95
CA ASP F 7 3.92 12.89 6.33
C ASP F 7 4.26 13.94 5.25
N PRO F 8 3.84 15.19 5.44
CA PRO F 8 4.19 16.26 4.49
C PRO F 8 5.71 16.45 4.45
N ARG F 9 6.27 16.61 3.27
CA ARG F 9 7.72 16.62 3.19
C ARG F 9 8.46 17.95 3.55
N SER F 10 8.00 18.62 4.62
CA SER F 10 8.70 19.79 5.16
C SER F 10 9.00 19.68 6.67
N PHE F 11 10.19 19.19 7.00
CA PHE F 11 10.66 19.08 8.39
C PHE F 11 12.07 19.66 8.49
N LEU F 12 12.42 20.19 9.66
CA LEU F 12 13.51 21.17 9.75
C LEU F 12 14.50 20.96 10.90
N LEU F 13 15.72 21.48 10.72
CA LEU F 13 16.83 21.48 11.69
C LEU F 13 18.16 21.78 11.00
N ARG F 14 18.98 22.64 11.60
CA ARG F 14 20.31 22.99 11.05
C ARG F 14 21.37 21.95 11.44
N ASN F 15 21.64 21.01 10.54
CA ASN F 15 22.46 19.83 10.84
C ASN F 15 24.00 20.02 10.92
N PRO F 16 24.55 21.14 10.39
CA PRO F 16 25.95 21.45 10.68
C PRO F 16 26.18 21.60 12.19
N ASN F 17 25.64 22.68 12.74
CA ASN F 17 25.65 22.96 14.18
C ASN F 17 25.03 24.33 14.44
N ASP F 18 23.75 24.46 14.11
CA ASP F 18 22.95 25.69 14.27
C ASP F 18 23.46 26.83 13.37
N LYS F 19 23.98 26.47 12.19
CA LYS F 19 24.77 27.44 11.43
C LYS F 19 24.63 27.42 9.91
N TYR F 20 23.79 28.33 9.43
CA TYR F 20 23.77 28.79 8.05
C TYR F 20 24.56 30.07 8.01
N GLU F 21 25.35 30.29 6.94
CA GLU F 21 26.23 31.44 6.81
C GLU F 21 25.46 32.72 6.57
N PRO F 22 25.93 33.85 7.14
CA PRO F 22 25.17 35.08 7.00
C PRO F 22 25.11 35.45 5.54
N PHE F 23 23.98 36.01 5.12
CA PHE F 23 23.87 36.43 3.72
C PHE F 23 23.18 37.78 3.54
N TRP F 24 23.37 38.31 2.35
CA TRP F 24 22.83 39.60 1.91
C TRP F 24 23.43 40.75 2.68
N GLU F 25 22.58 41.55 3.34
CA GLU F 25 22.96 42.87 3.87
C GLU F 25 23.15 43.85 2.70
#